data_2HK3
#
_entry.id   2HK3
#
_cell.length_a   53.021
_cell.length_b   126.036
_cell.length_c   135.681
_cell.angle_alpha   90.000
_cell.angle_beta   90.000
_cell.angle_gamma   90.000
#
_symmetry.space_group_name_H-M   'P 21 21 21'
#
loop_
_entity.id
_entity.type
_entity.pdbx_description
1 polymer 'Diphosphomevalonate decarboxylase'
2 water water
#
_entity_poly.entity_id   1
_entity_poly.type   'polypeptide(L)'
_entity_poly.pdbx_seq_one_letter_code
;HMLEMIKSGKARAHTNIALIKYWGKKDEALIIPMNNSISVTLEKFYTETKVTFNDQLTQDQFWLNGEKVSGKELEKISKY
MDIVRNRAGIDWYAEIESDNFVPTAAGLASSASAYAALAAACNQALDMQLSDKDLSRLARIGSGSASRSIYGGFAEWEKG
YSDETSYAVPLESNHFEDDLAMIFVVINQHSKKVPSRYGMSLTRNTSRFYQYWLDHIDEDLAEAKAAIQDKDFKRLGEVI
EENGLRMHATNLGSTPPFTYLVQESYDVMALVHECREAGYPCYFTMDAGPNVKILVEKKNKQQIIDKLLTQFDNNQIIDS
DIIATGIEIIE
;
_entity_poly.pdbx_strand_id   A,B
#
# COMPACT_ATOMS: atom_id res chain seq x y z
N HIS A 1 -51.47 3.73 31.78
CA HIS A 1 -50.98 4.94 31.01
C HIS A 1 -49.56 4.72 30.51
N MET A 2 -49.27 5.24 29.31
CA MET A 2 -47.96 5.10 28.69
C MET A 2 -46.82 5.51 29.62
N LEU A 3 -47.01 6.61 30.35
CA LEU A 3 -46.00 7.12 31.29
C LEU A 3 -45.78 6.22 32.51
N GLU A 4 -46.76 5.38 32.85
CA GLU A 4 -46.62 4.40 33.94
C GLU A 4 -45.77 3.20 33.47
N MET A 5 -45.76 2.99 32.16
CA MET A 5 -45.34 1.73 31.52
C MET A 5 -43.96 1.74 30.86
N ILE A 6 -43.68 2.79 30.08
CA ILE A 6 -42.47 2.85 29.25
C ILE A 6 -41.18 2.83 30.07
N LYS A 7 -40.15 2.22 29.49
CA LYS A 7 -38.84 2.15 30.12
C LYS A 7 -37.90 2.90 29.20
N SER A 8 -37.23 3.94 29.71
CA SER A 8 -36.43 4.77 28.81
C SER A 8 -35.11 5.26 29.39
N GLY A 9 -34.20 5.61 28.50
CA GLY A 9 -32.81 5.86 28.87
C GLY A 9 -32.18 6.75 27.85
N LYS A 10 -31.27 7.60 28.29
CA LYS A 10 -30.58 8.50 27.37
C LYS A 10 -29.09 8.60 27.75
N ALA A 11 -28.20 8.51 26.76
CA ALA A 11 -26.79 8.53 27.04
C ALA A 11 -26.00 9.17 25.90
N ARG A 12 -24.83 9.68 26.26
CA ARG A 12 -23.84 10.21 25.33
C ARG A 12 -22.51 9.40 25.42
N ALA A 13 -22.07 8.89 24.26
CA ALA A 13 -20.80 8.19 24.13
C ALA A 13 -20.01 8.88 23.09
N HIS A 14 -18.72 9.05 23.36
CA HIS A 14 -17.79 9.70 22.42
C HIS A 14 -17.13 8.70 21.51
N THR A 15 -16.73 9.13 20.32
CA THR A 15 -15.93 8.32 19.44
C THR A 15 -14.54 8.10 20.05
N ASN A 16 -13.92 7.00 19.65
CA ASN A 16 -12.58 6.73 20.04
C ASN A 16 -11.80 6.42 18.75
N ILE A 17 -10.51 6.71 18.76
CA ILE A 17 -9.66 6.35 17.63
C ILE A 17 -8.62 5.32 18.10
N ALA A 18 -8.52 4.18 17.40
CA ALA A 18 -7.50 3.17 17.72
C ALA A 18 -6.11 3.60 17.29
N LEU A 19 -5.19 3.63 18.26
CA LEU A 19 -3.79 3.96 18.02
C LEU A 19 -2.96 2.70 17.75
N ILE A 20 -3.26 1.65 18.51
CA ILE A 20 -2.87 0.32 18.13
C ILE A 20 -4.11 -0.40 17.65
N LYS A 21 -4.09 -0.86 16.41
CA LYS A 21 -5.28 -1.21 15.65
C LYS A 21 -5.99 -2.52 16.03
N TYR A 22 -7.31 -2.46 16.01
CA TYR A 22 -8.16 -3.63 15.83
C TYR A 22 -8.21 -3.95 14.32
N TRP A 23 -7.71 -5.14 13.95
CA TRP A 23 -7.69 -5.54 12.51
C TRP A 23 -7.73 -7.05 12.31
N GLY A 24 -8.94 -7.56 12.12
CA GLY A 24 -9.11 -9.05 12.14
C GLY A 24 -9.85 -9.56 13.37
N LYS A 25 -10.92 -10.30 13.10
CA LYS A 25 -11.68 -10.94 14.12
C LYS A 25 -11.26 -12.42 14.19
N LYS A 26 -11.19 -12.93 15.42
CA LYS A 26 -11.11 -14.33 15.67
C LYS A 26 -12.48 -15.01 15.48
N ASP A 27 -13.52 -14.37 16.05
CA ASP A 27 -14.91 -14.73 15.87
C ASP A 27 -15.77 -13.60 15.26
N GLU A 28 -16.33 -13.82 14.06
CA GLU A 28 -17.14 -12.83 13.37
C GLU A 28 -18.49 -12.55 14.00
N ALA A 29 -19.19 -13.58 14.45
CA ALA A 29 -20.55 -13.42 14.96
C ALA A 29 -20.53 -12.71 16.29
N LEU A 30 -19.53 -13.05 17.09
CA LEU A 30 -19.41 -12.57 18.44
C LEU A 30 -18.52 -11.31 18.55
N ILE A 31 -17.78 -11.00 17.49
CA ILE A 31 -16.88 -9.83 17.48
C ILE A 31 -15.81 -9.99 18.55
N ILE A 32 -15.06 -11.09 18.43
CA ILE A 32 -13.88 -11.31 19.25
C ILE A 32 -12.68 -10.99 18.35
N PRO A 33 -11.78 -10.13 18.81
CA PRO A 33 -10.75 -9.73 17.87
C PRO A 33 -9.52 -10.68 17.96
N MET A 34 -8.69 -10.65 16.91
CA MET A 34 -7.43 -11.42 16.84
C MET A 34 -6.40 -10.85 17.77
N ASN A 35 -6.58 -9.58 18.17
CA ASN A 35 -5.62 -8.92 19.06
C ASN A 35 -6.24 -7.79 19.87
N ASN A 36 -5.66 -7.51 21.06
CA ASN A 36 -5.96 -6.23 21.74
C ASN A 36 -5.71 -4.98 20.89
N SER A 37 -6.47 -3.94 21.20
CA SER A 37 -6.30 -2.64 20.58
C SER A 37 -6.35 -1.57 21.68
N ILE A 38 -5.66 -0.47 21.43
CA ILE A 38 -5.57 0.66 22.40
C ILE A 38 -6.10 1.92 21.74
N SER A 39 -7.03 2.59 22.39
CA SER A 39 -7.59 3.80 21.82
C SER A 39 -7.56 5.02 22.72
N VAL A 40 -7.85 6.14 22.10
CA VAL A 40 -7.98 7.41 22.78
C VAL A 40 -9.46 7.88 22.48
N THR A 41 -10.21 8.25 23.52
CA THR A 41 -11.57 8.79 23.37
C THR A 41 -11.61 10.33 23.08
N LEU A 42 -12.33 10.73 22.05
CA LEU A 42 -12.28 12.11 21.57
C LEU A 42 -13.47 12.96 22.00
N GLU A 43 -13.15 14.13 22.51
CA GLU A 43 -14.14 14.92 23.18
C GLU A 43 -15.13 15.68 22.24
N LYS A 44 -14.67 16.06 21.06
CA LYS A 44 -15.50 16.79 20.09
C LYS A 44 -16.59 15.94 19.40
N PHE A 45 -16.30 14.64 19.23
CA PHE A 45 -17.20 13.79 18.50
C PHE A 45 -17.87 12.79 19.45
N TYR A 46 -19.17 12.61 19.29
CA TYR A 46 -19.98 11.73 20.13
C TYR A 46 -21.30 11.37 19.46
N THR A 47 -22.04 10.48 20.11
CA THR A 47 -23.41 10.18 19.70
C THR A 47 -24.28 10.25 20.95
N GLU A 48 -25.43 10.89 20.83
CA GLU A 48 -26.42 10.92 21.91
C GLU A 48 -27.58 10.05 21.50
N THR A 49 -27.88 9.05 22.31
CA THR A 49 -28.98 8.12 22.00
C THR A 49 -29.97 7.98 23.13
N LYS A 50 -31.25 8.18 22.80
CA LYS A 50 -32.34 7.84 23.71
C LYS A 50 -33.04 6.55 23.26
N VAL A 51 -33.34 5.67 24.22
CA VAL A 51 -34.11 4.48 23.95
C VAL A 51 -35.40 4.46 24.82
N THR A 52 -36.50 4.07 24.20
CA THR A 52 -37.78 3.99 24.90
C THR A 52 -38.44 2.63 24.61
N PHE A 53 -38.47 1.78 25.62
CA PHE A 53 -39.15 0.51 25.50
C PHE A 53 -40.62 0.64 25.83
N ASN A 54 -41.43 0.14 24.94
CA ASN A 54 -42.86 0.27 25.04
C ASN A 54 -43.58 -0.99 24.59
N ASP A 55 -44.41 -1.56 25.47
CA ASP A 55 -45.14 -2.81 25.20
C ASP A 55 -46.17 -2.80 24.07
N GLN A 56 -46.48 -1.61 23.54
CA GLN A 56 -47.52 -1.49 22.56
C GLN A 56 -46.90 -1.52 21.18
N LEU A 57 -45.64 -1.09 21.15
CA LEU A 57 -44.83 -1.05 19.96
C LEU A 57 -44.73 -2.44 19.35
N THR A 58 -44.90 -2.52 18.04
CA THR A 58 -44.93 -3.77 17.28
C THR A 58 -43.61 -4.15 16.57
N GLN A 59 -42.69 -3.20 16.50
CA GLN A 59 -41.45 -3.32 15.76
C GLN A 59 -40.56 -2.25 16.37
N ASP A 60 -39.23 -2.42 16.28
CA ASP A 60 -38.35 -1.34 16.70
C ASP A 60 -38.45 -0.18 15.72
N GLN A 61 -38.29 1.03 16.26
CA GLN A 61 -38.10 2.20 15.38
C GLN A 61 -36.83 2.97 15.75
N PHE A 62 -36.25 3.58 14.73
CA PHE A 62 -34.97 4.20 14.84
C PHE A 62 -35.05 5.54 14.06
N TRP A 63 -34.75 6.64 14.74
CA TRP A 63 -34.52 7.95 14.10
C TRP A 63 -33.04 8.33 14.32
N LEU A 64 -32.39 8.74 13.23
CA LEU A 64 -31.01 9.18 13.27
C LEU A 64 -30.97 10.59 12.74
N ASN A 65 -30.50 11.52 13.58
CA ASN A 65 -30.43 12.94 13.19
C ASN A 65 -31.81 13.49 12.68
N GLY A 66 -32.88 12.98 13.31
CA GLY A 66 -34.28 13.37 13.03
C GLY A 66 -34.88 12.76 11.79
N GLU A 67 -34.21 11.77 11.20
CA GLU A 67 -34.69 11.09 9.99
C GLU A 67 -35.03 9.67 10.38
N LYS A 68 -36.15 9.14 9.92
CA LYS A 68 -36.51 7.76 10.20
C LYS A 68 -35.64 6.82 9.34
N VAL A 69 -35.03 5.85 10.02
CA VAL A 69 -34.22 4.87 9.34
C VAL A 69 -35.06 3.64 8.99
N SER A 70 -34.96 3.22 7.73
CA SER A 70 -35.48 1.95 7.27
C SER A 70 -34.35 1.16 6.58
N GLY A 71 -34.69 0.02 5.97
CA GLY A 71 -33.73 -0.74 5.17
C GLY A 71 -32.81 -1.51 6.09
N LYS A 72 -31.59 -1.80 5.59
CA LYS A 72 -30.63 -2.65 6.30
C LYS A 72 -30.05 -2.03 7.59
N GLU A 73 -30.03 -0.70 7.67
CA GLU A 73 -29.56 -0.03 8.87
C GLU A 73 -30.56 -0.15 10.07
N LEU A 74 -31.85 -0.24 9.74
CA LEU A 74 -32.88 -0.61 10.73
C LEU A 74 -32.79 -2.11 11.12
N GLU A 75 -32.56 -2.94 10.10
CA GLU A 75 -32.43 -4.39 10.26
C GLU A 75 -31.32 -4.65 11.23
N LYS A 76 -30.19 -3.97 11.01
CA LYS A 76 -28.98 -4.02 11.84
C LYS A 76 -29.22 -3.66 13.25
N ILE A 77 -29.84 -2.51 13.49
CA ILE A 77 -30.22 -2.15 14.86
C ILE A 77 -31.27 -3.05 15.52
N SER A 78 -32.25 -3.55 14.79
CA SER A 78 -33.23 -4.46 15.38
C SER A 78 -32.64 -5.80 15.81
N LYS A 79 -31.65 -6.30 15.05
CA LYS A 79 -30.85 -7.48 15.47
C LYS A 79 -30.09 -7.22 16.77
N TYR A 80 -29.43 -6.07 16.84
CA TYR A 80 -28.76 -5.68 18.08
C TYR A 80 -29.72 -5.59 19.28
N MET A 81 -30.87 -4.96 19.06
CA MET A 81 -31.92 -4.84 20.07
C MET A 81 -32.48 -6.18 20.54
N ASP A 82 -32.62 -7.17 19.63
CA ASP A 82 -32.93 -8.59 20.05
C ASP A 82 -31.91 -9.14 21.07
N ILE A 83 -30.61 -8.94 20.80
CA ILE A 83 -29.55 -9.23 21.79
C ILE A 83 -29.76 -8.51 23.14
N VAL A 84 -29.99 -7.19 23.09
CA VAL A 84 -30.25 -6.44 24.33
C VAL A 84 -31.48 -6.96 25.07
N ARG A 85 -32.58 -7.16 24.36
CA ARG A 85 -33.79 -7.78 24.91
C ARG A 85 -33.49 -9.15 25.53
N ASN A 86 -32.73 -9.97 24.83
CA ASN A 86 -32.42 -11.30 25.33
C ASN A 86 -31.65 -11.18 26.63
N ARG A 87 -30.65 -10.30 26.67
CA ARG A 87 -29.82 -10.13 27.88
C ARG A 87 -30.58 -9.52 29.06
N ALA A 88 -31.41 -8.52 28.77
CA ALA A 88 -32.25 -7.87 29.78
C ALA A 88 -33.37 -8.79 30.28
N GLY A 89 -33.88 -9.68 29.42
CA GLY A 89 -35.06 -10.50 29.78
C GLY A 89 -36.40 -9.80 29.57
N ILE A 90 -36.55 -9.06 28.48
CA ILE A 90 -37.74 -8.27 28.24
C ILE A 90 -38.09 -8.40 26.77
N ASP A 91 -39.37 -8.43 26.41
CA ASP A 91 -39.73 -8.62 24.99
C ASP A 91 -40.24 -7.38 24.26
N TRP A 92 -40.23 -6.24 24.94
CA TRP A 92 -40.72 -4.98 24.40
C TRP A 92 -39.89 -4.45 23.24
N TYR A 93 -40.54 -4.10 22.15
CA TYR A 93 -39.91 -3.30 21.11
C TYR A 93 -39.64 -1.83 21.58
N ALA A 94 -38.76 -1.13 20.86
CA ALA A 94 -38.24 0.16 21.32
C ALA A 94 -38.22 1.21 20.24
N GLU A 95 -38.35 2.44 20.68
CA GLU A 95 -38.11 3.59 19.84
C GLU A 95 -36.69 4.09 20.17
N ILE A 96 -35.83 4.15 19.16
CA ILE A 96 -34.46 4.61 19.36
C ILE A 96 -34.30 5.97 18.70
N GLU A 97 -33.88 6.93 19.51
CA GLU A 97 -33.60 8.28 19.01
C GLU A 97 -32.16 8.71 19.20
N SER A 98 -31.48 8.87 18.08
CA SER A 98 -30.06 9.07 18.11
C SER A 98 -29.73 10.35 17.37
N ASP A 99 -28.70 11.03 17.87
CA ASP A 99 -28.09 12.17 17.16
C ASP A 99 -26.56 12.06 17.15
N ASN A 100 -26.01 11.90 15.95
CA ASN A 100 -24.55 11.92 15.73
C ASN A 100 -23.94 13.33 15.74
N PHE A 101 -23.03 13.60 16.66
CA PHE A 101 -22.17 14.78 16.52
C PHE A 101 -20.77 14.32 16.07
N VAL A 102 -20.76 13.69 14.90
CA VAL A 102 -19.60 13.05 14.30
C VAL A 102 -19.84 13.36 12.83
N PRO A 103 -18.84 13.92 12.12
CA PRO A 103 -19.08 14.14 10.70
C PRO A 103 -18.88 12.84 9.87
N THR A 104 -19.99 12.13 9.66
CA THR A 104 -19.97 10.80 9.02
C THR A 104 -19.92 10.85 7.48
N ALA A 105 -20.43 11.93 6.89
CA ALA A 105 -20.28 12.20 5.46
C ALA A 105 -18.81 12.56 5.13
N ALA A 106 -18.10 13.01 6.16
CA ALA A 106 -16.64 13.24 6.10
C ALA A 106 -15.87 11.93 6.24
N GLY A 107 -16.58 10.80 6.38
CA GLY A 107 -15.98 9.47 6.49
C GLY A 107 -15.58 9.08 7.90
N LEU A 108 -15.84 9.94 8.86
CA LEU A 108 -15.60 9.57 10.27
C LEU A 108 -16.68 8.58 10.72
N ALA A 109 -16.23 7.41 11.19
CA ALA A 109 -17.10 6.33 11.63
C ALA A 109 -17.89 6.68 12.92
N SER A 110 -19.18 6.32 12.95
CA SER A 110 -20.00 6.50 14.16
C SER A 110 -20.28 5.18 14.89
N SER A 111 -19.89 4.06 14.29
CA SER A 111 -20.16 2.77 14.89
C SER A 111 -19.77 2.73 16.38
N ALA A 112 -18.53 3.14 16.67
CA ALA A 112 -18.02 3.21 18.05
C ALA A 112 -18.89 3.98 19.07
N SER A 113 -19.31 5.20 18.75
CA SER A 113 -20.10 5.97 19.69
C SER A 113 -21.58 5.56 19.64
N ALA A 114 -22.05 5.17 18.47
CA ALA A 114 -23.45 4.77 18.32
C ALA A 114 -23.83 3.54 19.15
N TYR A 115 -23.05 2.46 19.08
CA TYR A 115 -23.39 1.25 19.88
C TYR A 115 -23.11 1.37 21.36
N ALA A 116 -22.08 2.14 21.70
CA ALA A 116 -21.84 2.43 23.12
C ALA A 116 -22.96 3.29 23.73
N ALA A 117 -23.41 4.31 23.02
CA ALA A 117 -24.49 5.18 23.52
C ALA A 117 -25.79 4.37 23.64
N LEU A 118 -26.07 3.50 22.66
CA LEU A 118 -27.27 2.67 22.70
C LEU A 118 -27.17 1.63 23.81
N ALA A 119 -26.03 0.99 23.98
CA ALA A 119 -25.83 0.06 25.10
C ALA A 119 -26.09 0.73 26.46
N ALA A 120 -25.48 1.90 26.69
CA ALA A 120 -25.61 2.63 27.97
C ALA A 120 -27.05 3.14 28.24
N ALA A 121 -27.73 3.54 27.17
CA ALA A 121 -29.13 3.97 27.18
C ALA A 121 -30.07 2.80 27.53
N CYS A 122 -29.86 1.61 26.95
CA CYS A 122 -30.61 0.41 27.37
C CYS A 122 -30.38 -0.01 28.83
N ASN A 123 -29.14 0.06 29.30
CA ASN A 123 -28.73 -0.27 30.69
C ASN A 123 -29.43 0.66 31.66
N GLN A 124 -29.62 1.89 31.21
CA GLN A 124 -30.39 2.87 31.95
C GLN A 124 -31.87 2.50 31.87
N ALA A 125 -32.41 2.42 30.66
CA ALA A 125 -33.85 2.12 30.44
C ALA A 125 -34.37 0.87 31.16
N LEU A 126 -33.57 -0.21 31.16
CA LEU A 126 -34.01 -1.53 31.67
C LEU A 126 -33.45 -1.86 33.06
N ASP A 127 -32.77 -0.89 33.67
CA ASP A 127 -32.15 -1.07 34.98
C ASP A 127 -31.25 -2.33 35.03
N MET A 128 -30.43 -2.51 34.00
CA MET A 128 -29.57 -3.69 33.96
C MET A 128 -28.45 -3.58 34.97
N GLN A 129 -28.20 -2.36 35.45
CA GLN A 129 -27.12 -2.08 36.40
C GLN A 129 -25.81 -2.80 36.05
N LEU A 130 -25.41 -2.72 34.78
CA LEU A 130 -24.21 -3.41 34.29
C LEU A 130 -22.95 -2.69 34.75
N SER A 131 -21.92 -3.45 35.12
CA SER A 131 -20.60 -2.88 35.37
C SER A 131 -20.04 -2.35 34.06
N ASP A 132 -18.95 -1.59 34.16
CA ASP A 132 -18.31 -1.06 32.97
C ASP A 132 -17.87 -2.19 32.01
N LYS A 133 -17.32 -3.26 32.58
CA LYS A 133 -16.94 -4.47 31.84
C LYS A 133 -18.11 -5.08 31.09
N ASP A 134 -19.22 -5.35 31.79
CA ASP A 134 -20.42 -5.88 31.13
C ASP A 134 -21.03 -4.92 30.13
N LEU A 135 -20.95 -3.62 30.43
CA LEU A 135 -21.41 -2.55 29.52
C LEU A 135 -20.63 -2.54 28.23
N SER A 136 -19.31 -2.69 28.39
CA SER A 136 -18.36 -2.78 27.28
C SER A 136 -18.61 -4.00 26.36
N ARG A 137 -18.81 -5.16 26.97
CA ARG A 137 -19.29 -6.38 26.31
C ARG A 137 -20.55 -6.19 25.49
N LEU A 138 -21.54 -5.53 26.09
CA LEU A 138 -22.82 -5.28 25.41
C LEU A 138 -22.63 -4.40 24.18
N ALA A 139 -21.79 -3.37 24.28
CA ALA A 139 -21.43 -2.56 23.11
C ALA A 139 -20.64 -3.34 22.05
N ARG A 140 -19.68 -4.17 22.49
CA ARG A 140 -18.77 -4.92 21.63
C ARG A 140 -19.52 -5.77 20.61
N ILE A 141 -20.67 -6.34 21.01
CA ILE A 141 -21.36 -7.31 20.17
C ILE A 141 -22.14 -6.64 19.08
N GLY A 142 -22.34 -5.32 19.19
CA GLY A 142 -22.82 -4.56 18.05
C GLY A 142 -21.68 -3.98 17.23
N SER A 143 -20.61 -3.59 17.89
CA SER A 143 -19.48 -2.96 17.20
C SER A 143 -18.24 -3.15 18.00
N GLY A 144 -17.19 -3.69 17.40
CA GLY A 144 -15.94 -3.91 18.17
C GLY A 144 -15.35 -2.66 18.81
N SER A 145 -15.21 -1.63 18.01
CA SER A 145 -14.61 -0.37 18.43
C SER A 145 -15.39 0.34 19.55
N ALA A 146 -16.70 0.06 19.64
CA ALA A 146 -17.60 0.65 20.66
C ALA A 146 -17.35 0.18 22.09
N SER A 147 -16.81 -1.02 22.26
CA SER A 147 -16.38 -1.56 23.53
C SER A 147 -15.48 -0.60 24.29
N ARG A 148 -14.67 0.13 23.53
CA ARG A 148 -13.65 1.02 24.07
C ARG A 148 -14.22 2.41 24.43
N SER A 149 -15.40 2.76 23.89
CA SER A 149 -16.01 4.07 24.14
C SER A 149 -16.72 4.17 25.46
N ILE A 150 -16.74 3.09 26.24
CA ILE A 150 -17.25 3.15 27.60
C ILE A 150 -16.32 4.06 28.43
N TYR A 151 -15.06 4.20 28.01
CA TYR A 151 -14.03 4.88 28.80
C TYR A 151 -13.57 6.14 28.12
N GLY A 152 -13.11 7.08 28.95
CA GLY A 152 -12.39 8.26 28.48
C GLY A 152 -10.89 7.97 28.45
N GLY A 153 -10.11 8.90 27.92
CA GLY A 153 -8.65 8.79 27.92
C GLY A 153 -8.22 7.59 27.08
N PHE A 154 -7.27 6.82 27.61
CA PHE A 154 -6.73 5.61 26.97
C PHE A 154 -7.50 4.35 27.42
N ALA A 155 -7.87 3.52 26.46
CA ALA A 155 -8.61 2.30 26.74
C ALA A 155 -7.97 1.18 25.93
N GLU A 156 -7.99 -0.01 26.51
CA GLU A 156 -7.53 -1.21 25.86
C GLU A 156 -8.67 -2.21 25.73
N TRP A 157 -8.91 -2.67 24.50
CA TRP A 157 -9.81 -3.80 24.30
C TRP A 157 -9.03 -5.12 24.46
N GLU A 158 -9.34 -5.82 25.54
CA GLU A 158 -8.80 -7.15 25.76
C GLU A 158 -9.60 -8.11 24.89
N LYS A 159 -8.87 -8.83 24.04
CA LYS A 159 -9.52 -9.71 23.08
C LYS A 159 -10.31 -10.83 23.77
N GLY A 160 -9.80 -11.40 24.87
CA GLY A 160 -10.44 -12.55 25.49
C GLY A 160 -10.56 -13.72 24.51
N TYR A 161 -11.59 -14.56 24.67
CA TYR A 161 -11.79 -15.68 23.77
C TYR A 161 -13.25 -16.12 23.80
N SER A 162 -14.09 -15.34 24.47
CA SER A 162 -15.53 -15.63 24.53
C SER A 162 -16.30 -14.33 24.76
N ASP A 163 -17.61 -14.41 24.58
CA ASP A 163 -18.46 -13.24 24.74
C ASP A 163 -18.27 -12.61 26.12
N GLU A 164 -17.99 -13.46 27.10
CA GLU A 164 -17.84 -13.08 28.50
C GLU A 164 -16.51 -12.38 28.83
N THR A 165 -15.50 -12.59 27.97
CA THR A 165 -14.11 -12.26 28.32
C THR A 165 -13.52 -11.21 27.35
N SER A 166 -14.30 -10.87 26.33
CA SER A 166 -13.92 -9.85 25.35
C SER A 166 -14.58 -8.51 25.67
N TYR A 167 -13.78 -7.61 26.25
CA TYR A 167 -14.29 -6.29 26.62
C TYR A 167 -13.12 -5.36 26.78
N ALA A 168 -13.41 -4.05 26.82
CA ALA A 168 -12.39 -3.06 27.05
C ALA A 168 -12.27 -2.67 28.54
N VAL A 169 -11.14 -2.03 28.84
CA VAL A 169 -10.69 -1.82 30.18
C VAL A 169 -9.97 -0.46 30.14
N PRO A 170 -10.01 0.34 31.23
CA PRO A 170 -9.26 1.60 31.22
C PRO A 170 -7.76 1.38 31.33
N LEU A 171 -6.96 2.13 30.58
CA LEU A 171 -5.53 2.09 30.81
C LEU A 171 -5.13 3.25 31.71
N GLU A 172 -4.34 2.96 32.73
CA GLU A 172 -3.79 4.04 33.57
C GLU A 172 -2.77 4.86 32.80
N SER A 173 -3.07 6.14 32.67
CA SER A 173 -2.24 7.00 31.86
C SER A 173 -1.77 8.22 32.67
N ASN A 174 -2.19 8.33 33.93
CA ASN A 174 -1.82 9.46 34.82
C ASN A 174 -1.95 10.83 34.18
N HIS A 175 -3.10 11.07 33.54
CA HIS A 175 -3.43 12.37 32.94
C HIS A 175 -2.65 12.73 31.66
N PHE A 176 -1.90 11.79 31.12
CA PHE A 176 -1.18 11.98 29.85
C PHE A 176 -2.10 12.56 28.74
N GLU A 177 -3.35 12.08 28.69
CA GLU A 177 -4.39 12.57 27.75
C GLU A 177 -4.57 14.07 27.70
N ASP A 178 -4.37 14.75 28.83
CA ASP A 178 -4.63 16.20 28.91
C ASP A 178 -3.65 17.01 28.10
N ASP A 179 -2.51 16.43 27.78
CA ASP A 179 -1.46 17.11 27.01
C ASP A 179 -1.56 16.88 25.53
N LEU A 180 -2.51 16.05 25.11
CA LEU A 180 -2.63 15.59 23.74
C LEU A 180 -3.91 15.99 23.01
N ALA A 181 -3.81 16.00 21.69
CA ALA A 181 -4.94 16.27 20.81
C ALA A 181 -4.80 15.43 19.53
N MET A 182 -5.86 15.35 18.76
CA MET A 182 -5.82 14.75 17.44
C MET A 182 -6.35 15.73 16.40
N ILE A 183 -5.71 15.76 15.22
CA ILE A 183 -6.17 16.55 14.06
C ILE A 183 -6.61 15.56 12.96
N PHE A 184 -7.74 15.81 12.31
CA PHE A 184 -8.21 15.00 11.17
C PHE A 184 -8.05 15.81 9.89
N VAL A 185 -7.45 15.21 8.89
CA VAL A 185 -7.51 15.77 7.56
C VAL A 185 -8.47 14.89 6.77
N VAL A 186 -9.60 15.51 6.41
CA VAL A 186 -10.69 14.82 5.76
C VAL A 186 -10.39 14.77 4.27
N ILE A 187 -10.57 13.58 3.69
CA ILE A 187 -10.19 13.35 2.31
C ILE A 187 -11.33 12.70 1.48
N ASN A 188 -11.63 13.36 0.37
CA ASN A 188 -12.69 12.94 -0.53
C ASN A 188 -12.12 12.07 -1.62
N GLN A 189 -12.25 10.75 -1.52
CA GLN A 189 -11.92 9.91 -2.68
C GLN A 189 -13.14 9.70 -3.58
N HIS A 190 -12.88 9.37 -4.83
CA HIS A 190 -14.01 9.31 -5.72
C HIS A 190 -14.46 7.87 -6.07
N SER A 191 -13.69 6.88 -5.64
CA SER A 191 -14.15 5.49 -5.62
C SER A 191 -14.82 5.21 -4.28
N LYS A 192 -15.74 4.25 -4.27
CA LYS A 192 -16.38 3.84 -3.03
C LYS A 192 -15.41 2.86 -2.31
N LYS A 193 -15.30 2.98 -0.98
CA LYS A 193 -14.28 2.21 -0.27
C LYS A 193 -14.73 0.81 0.06
N VAL A 194 -13.77 -0.07 0.27
CA VAL A 194 -14.05 -1.36 0.84
C VAL A 194 -14.70 -1.15 2.25
N PRO A 195 -15.92 -1.71 2.47
CA PRO A 195 -16.51 -1.64 3.82
C PRO A 195 -15.63 -2.35 4.85
N SER A 196 -15.56 -1.79 6.05
CA SER A 196 -14.53 -2.16 7.00
C SER A 196 -14.62 -3.62 7.46
N ARG A 197 -15.84 -4.10 7.68
CA ARG A 197 -16.10 -5.43 8.20
C ARG A 197 -15.72 -6.47 7.14
N TYR A 198 -16.12 -6.23 5.90
CA TYR A 198 -15.72 -7.07 4.78
C TYR A 198 -14.21 -6.99 4.52
N GLY A 199 -13.65 -5.76 4.56
CA GLY A 199 -12.23 -5.52 4.32
C GLY A 199 -11.36 -6.26 5.32
N MET A 200 -11.61 -6.09 6.62
CA MET A 200 -10.82 -6.76 7.64
C MET A 200 -10.91 -8.30 7.62
N SER A 201 -12.08 -8.88 7.27
CA SER A 201 -12.29 -10.33 7.15
C SER A 201 -11.53 -10.92 5.95
N LEU A 202 -11.62 -10.24 4.83
CA LEU A 202 -10.86 -10.61 3.66
C LEU A 202 -9.36 -10.67 3.97
N THR A 203 -8.85 -9.61 4.56
CA THR A 203 -7.41 -9.54 4.91
C THR A 203 -6.99 -10.54 5.97
N ARG A 204 -7.73 -10.58 7.07
CA ARG A 204 -7.48 -11.54 8.14
C ARG A 204 -7.46 -12.99 7.61
N ASN A 205 -8.41 -13.32 6.72
CA ASN A 205 -8.59 -14.72 6.22
C ASN A 205 -7.78 -15.10 5.00
N THR A 206 -7.28 -14.10 4.31
CA THR A 206 -6.80 -14.23 2.92
C THR A 206 -5.42 -13.56 2.68
N SER A 207 -5.05 -12.58 3.51
CA SER A 207 -3.83 -11.79 3.19
C SER A 207 -2.51 -12.61 3.28
N ARG A 208 -1.74 -12.56 2.20
CA ARG A 208 -0.34 -13.04 2.23
C ARG A 208 0.51 -12.33 3.28
N PHE A 209 0.12 -11.12 3.72
CA PHE A 209 0.97 -10.36 4.69
C PHE A 209 0.43 -10.27 6.10
N TYR A 210 -0.68 -10.95 6.34
CA TYR A 210 -1.32 -10.90 7.67
C TYR A 210 -0.44 -11.43 8.82
N GLN A 211 0.37 -12.46 8.56
CA GLN A 211 1.31 -13.00 9.56
C GLN A 211 2.27 -11.88 10.00
N TYR A 212 2.65 -11.00 9.08
CA TYR A 212 3.47 -9.86 9.40
C TYR A 212 2.79 -9.04 10.53
N TRP A 213 1.50 -8.78 10.40
CA TRP A 213 0.72 -8.08 11.42
C TRP A 213 0.79 -8.82 12.77
N LEU A 214 0.42 -10.08 12.74
CA LEU A 214 0.49 -11.00 13.88
C LEU A 214 1.89 -11.18 14.53
N ASP A 215 2.95 -11.21 13.73
CA ASP A 215 4.29 -11.32 14.24
C ASP A 215 4.74 -10.13 15.14
N HIS A 216 4.09 -8.98 14.99
CA HIS A 216 4.55 -7.72 15.61
C HIS A 216 3.54 -7.03 16.51
N ILE A 217 2.32 -7.54 16.58
CA ILE A 217 1.24 -6.84 17.30
C ILE A 217 1.45 -6.77 18.81
N ASP A 218 1.94 -7.86 19.39
CA ASP A 218 2.21 -7.94 20.81
C ASP A 218 3.35 -7.02 21.30
N GLU A 219 4.46 -6.90 20.54
CA GLU A 219 5.47 -5.91 20.85
C GLU A 219 4.91 -4.50 20.83
N ASP A 220 4.14 -4.20 19.79
CA ASP A 220 3.52 -2.89 19.64
C ASP A 220 2.59 -2.55 20.78
N LEU A 221 1.82 -3.54 21.23
CA LEU A 221 0.95 -3.37 22.41
C LEU A 221 1.71 -2.96 23.67
N ALA A 222 2.75 -3.75 23.99
CA ALA A 222 3.62 -3.51 25.10
C ALA A 222 4.39 -2.18 25.02
N GLU A 223 4.83 -1.84 23.82
CA GLU A 223 5.57 -0.60 23.57
C GLU A 223 4.70 0.65 23.80
N ALA A 224 3.48 0.59 23.28
CA ALA A 224 2.55 1.70 23.37
C ALA A 224 2.17 1.93 24.81
N LYS A 225 1.91 0.83 25.53
CA LYS A 225 1.55 0.87 26.95
C LYS A 225 2.65 1.44 27.85
N ALA A 226 3.89 1.03 27.59
CA ALA A 226 5.06 1.52 28.32
C ALA A 226 5.35 3.00 28.01
N ALA A 227 5.17 3.41 26.76
CA ALA A 227 5.23 4.82 26.40
C ALA A 227 4.13 5.60 27.09
N ILE A 228 2.91 5.08 27.10
CA ILE A 228 1.80 5.71 27.83
C ILE A 228 2.09 5.86 29.35
N GLN A 229 2.44 4.77 30.04
CA GLN A 229 2.86 4.81 31.48
C GLN A 229 3.98 5.85 31.77
N ASP A 230 4.89 5.99 30.81
CA ASP A 230 6.01 6.87 30.99
C ASP A 230 5.79 8.27 30.38
N LYS A 231 4.57 8.58 29.93
CA LYS A 231 4.28 9.86 29.24
C LYS A 231 5.34 10.24 28.14
N ASP A 232 5.69 9.28 27.30
CA ASP A 232 6.74 9.50 26.33
C ASP A 232 6.04 9.61 25.00
N PHE A 233 5.90 10.84 24.56
CA PHE A 233 5.10 11.13 23.38
C PHE A 233 5.70 10.64 22.05
N LYS A 234 7.00 10.84 21.85
CA LYS A 234 7.69 10.38 20.66
C LYS A 234 7.75 8.86 20.55
N ARG A 235 8.01 8.21 21.66
CA ARG A 235 7.98 6.76 21.76
C ARG A 235 6.58 6.20 21.46
N LEU A 236 5.53 6.74 22.09
CA LEU A 236 4.12 6.46 21.65
C LEU A 236 3.90 6.75 20.18
N GLY A 237 4.27 7.95 19.71
CA GLY A 237 3.91 8.34 18.36
C GLY A 237 4.51 7.40 17.32
N GLU A 238 5.72 6.93 17.60
CA GLU A 238 6.43 6.12 16.63
C GLU A 238 5.86 4.73 16.45
N VAL A 239 5.44 4.10 17.56
CA VAL A 239 4.88 2.73 17.47
C VAL A 239 3.57 2.89 16.73
N ILE A 240 2.77 3.89 17.12
CA ILE A 240 1.42 3.97 16.61
C ILE A 240 1.44 4.24 15.13
N GLU A 241 2.44 5.00 14.65
CA GLU A 241 2.53 5.31 13.26
C GLU A 241 2.93 4.09 12.45
N GLU A 242 3.92 3.35 12.95
CA GLU A 242 4.37 2.17 12.25
C GLU A 242 3.33 1.07 12.34
N ASN A 243 2.59 1.01 13.47
CA ASN A 243 1.47 0.05 13.65
C ASN A 243 0.39 0.20 12.62
N GLY A 244 -0.03 1.45 12.40
CA GLY A 244 -1.08 1.80 11.49
C GLY A 244 -0.70 1.51 10.05
N LEU A 245 0.55 1.84 9.68
CA LEU A 245 1.07 1.52 8.33
C LEU A 245 1.14 0.01 8.07
N ARG A 246 1.53 -0.76 9.09
CA ARG A 246 1.56 -2.20 8.94
C ARG A 246 0.16 -2.73 8.73
N MET A 247 -0.85 -2.15 9.40
CA MET A 247 -2.27 -2.52 9.21
C MET A 247 -2.60 -2.43 7.72
N HIS A 248 -2.22 -1.30 7.12
CA HIS A 248 -2.50 -1.03 5.72
C HIS A 248 -1.67 -1.84 4.79
N ALA A 249 -0.46 -2.22 5.22
CA ALA A 249 0.43 -3.04 4.41
C ALA A 249 -0.26 -4.38 4.19
N THR A 250 -0.91 -4.90 5.25
CA THR A 250 -1.68 -6.16 5.16
C THR A 250 -2.73 -6.18 4.04
N ASN A 251 -3.41 -5.08 3.78
CA ASN A 251 -4.45 -5.10 2.72
C ASN A 251 -3.89 -5.33 1.33
N LEU A 252 -2.64 -4.96 1.12
CA LEU A 252 -1.92 -5.24 -0.15
C LEU A 252 -1.73 -6.71 -0.45
N GLY A 253 -1.72 -7.56 0.57
CA GLY A 253 -1.56 -8.97 0.38
C GLY A 253 -2.84 -9.79 0.20
N SER A 254 -4.00 -9.17 0.39
CA SER A 254 -5.32 -9.85 0.36
C SER A 254 -5.66 -10.38 -1.04
N THR A 255 -6.64 -11.29 -1.13
CA THR A 255 -6.96 -11.90 -2.41
C THR A 255 -8.39 -11.50 -2.87
N PRO A 256 -8.54 -10.45 -3.73
CA PRO A 256 -7.48 -9.60 -4.28
C PRO A 256 -7.14 -8.39 -3.36
N PRO A 257 -5.98 -7.75 -3.61
CA PRO A 257 -5.48 -6.63 -2.83
C PRO A 257 -6.37 -5.42 -2.94
N PHE A 258 -6.39 -4.62 -1.88
CA PHE A 258 -7.18 -3.36 -1.88
C PHE A 258 -6.46 -2.33 -1.02
N THR A 259 -6.84 -1.06 -1.14
CA THR A 259 -6.24 -0.06 -0.26
C THR A 259 -7.27 0.91 0.27
N TYR A 260 -7.07 1.41 1.48
CA TYR A 260 -7.92 2.47 2.03
C TYR A 260 -7.42 3.85 1.65
N LEU A 261 -6.13 3.93 1.38
CA LEU A 261 -5.39 5.17 1.20
C LEU A 261 -5.46 5.66 -0.25
N VAL A 262 -5.47 6.97 -0.44
CA VAL A 262 -5.38 7.55 -1.78
C VAL A 262 -4.24 8.55 -1.76
N GLN A 263 -3.90 9.13 -2.89
CA GLN A 263 -2.69 9.96 -3.00
C GLN A 263 -2.66 11.11 -2.00
N GLU A 264 -3.82 11.74 -1.77
CA GLU A 264 -3.96 12.82 -0.80
C GLU A 264 -3.64 12.39 0.63
N SER A 265 -3.94 11.12 0.99
CA SER A 265 -3.52 10.54 2.29
C SER A 265 -2.01 10.64 2.46
N TYR A 266 -1.28 10.24 1.43
CA TYR A 266 0.16 10.33 1.40
C TYR A 266 0.71 11.78 1.43
N ASP A 267 0.00 12.74 0.81
CA ASP A 267 0.40 14.15 0.94
C ASP A 267 0.31 14.64 2.36
N VAL A 268 -0.69 14.15 3.10
CA VAL A 268 -0.81 14.44 4.55
C VAL A 268 0.37 13.83 5.32
N MET A 269 0.68 12.55 5.07
CA MET A 269 1.83 11.90 5.70
C MET A 269 3.16 12.69 5.47
N ALA A 270 3.32 13.25 4.27
CA ALA A 270 4.50 14.02 3.85
C ALA A 270 4.63 15.32 4.63
N LEU A 271 3.53 16.03 4.79
CA LEU A 271 3.45 17.18 5.70
C LEU A 271 3.73 16.85 7.18
N VAL A 272 3.23 15.74 7.71
CA VAL A 272 3.57 15.45 9.10
C VAL A 272 5.05 15.11 9.37
N HIS A 273 5.67 14.45 8.40
CA HIS A 273 7.11 14.24 8.37
C HIS A 273 7.87 15.59 8.34
N GLU A 274 7.38 16.56 7.56
CA GLU A 274 7.97 17.91 7.49
C GLU A 274 7.84 18.66 8.81
N CYS A 275 6.68 18.56 9.44
CA CYS A 275 6.44 19.01 10.80
C CYS A 275 7.42 18.45 11.86
N ARG A 276 7.64 17.14 11.90
CA ARG A 276 8.75 16.60 12.72
C ARG A 276 10.10 17.24 12.37
N GLU A 277 10.43 17.30 11.07
CA GLU A 277 11.70 17.89 10.69
C GLU A 277 11.80 19.29 11.27
N ALA A 278 10.69 20.03 11.22
CA ALA A 278 10.64 21.44 11.60
C ALA A 278 10.57 21.62 13.11
N GLY A 279 10.71 20.55 13.89
CA GLY A 279 10.70 20.60 15.36
C GLY A 279 9.34 20.36 16.02
N TYR A 280 8.34 19.88 15.28
CA TYR A 280 7.00 19.65 15.86
C TYR A 280 6.58 18.19 15.84
N PRO A 281 6.77 17.49 16.97
CA PRO A 281 6.40 16.07 17.10
C PRO A 281 4.92 15.87 16.84
N CYS A 282 4.62 14.97 15.90
CA CYS A 282 3.25 14.59 15.61
C CYS A 282 3.34 13.33 14.78
N TYR A 283 2.27 12.51 14.78
CA TYR A 283 2.31 11.14 14.25
C TYR A 283 0.96 10.79 13.67
N PHE A 284 0.98 10.15 12.49
CA PHE A 284 -0.26 9.94 11.77
C PHE A 284 -0.76 8.50 11.88
N THR A 285 -2.08 8.35 11.71
CA THR A 285 -2.72 7.04 11.65
C THR A 285 -3.93 7.09 10.67
N MET A 286 -4.23 5.96 10.04
CA MET A 286 -5.39 5.84 9.14
C MET A 286 -6.24 4.66 9.58
N ASP A 287 -7.52 4.77 9.33
CA ASP A 287 -8.43 3.70 9.66
C ASP A 287 -8.96 3.15 8.33
N ALA A 288 -10.21 2.70 8.30
CA ALA A 288 -10.76 1.98 7.15
C ALA A 288 -11.30 2.97 6.13
N GLY A 289 -10.45 3.90 5.74
CA GLY A 289 -10.80 4.96 4.78
C GLY A 289 -9.54 5.84 4.63
N PRO A 290 -9.60 6.84 3.70
CA PRO A 290 -8.45 7.67 3.26
C PRO A 290 -8.08 8.85 4.16
N ASN A 291 -8.99 9.28 5.04
CA ASN A 291 -8.74 10.33 6.05
C ASN A 291 -7.46 10.08 6.81
N VAL A 292 -6.78 11.14 7.24
CA VAL A 292 -5.57 10.95 8.04
C VAL A 292 -5.76 11.65 9.37
N LYS A 293 -5.44 10.94 10.46
CA LYS A 293 -5.52 11.50 11.80
C LYS A 293 -4.11 11.69 12.35
N ILE A 294 -3.93 12.80 13.05
CA ILE A 294 -2.62 13.17 13.52
C ILE A 294 -2.68 13.34 14.99
N LEU A 295 -1.92 12.52 15.71
CA LEU A 295 -1.78 12.72 17.14
C LEU A 295 -0.69 13.75 17.40
N VAL A 296 -1.04 14.79 18.13
CA VAL A 296 -0.11 15.89 18.39
C VAL A 296 -0.12 16.20 19.91
N GLU A 297 0.88 16.93 20.40
CA GLU A 297 0.76 17.55 21.71
C GLU A 297 -0.01 18.86 21.54
N LYS A 298 -0.88 19.17 22.50
CA LYS A 298 -1.67 20.41 22.46
C LYS A 298 -0.83 21.66 22.22
N LYS A 299 0.35 21.72 22.84
CA LYS A 299 1.26 22.86 22.65
C LYS A 299 1.64 23.09 21.21
N ASN A 300 1.61 22.04 20.39
CA ASN A 300 1.93 22.18 18.97
C ASN A 300 0.73 22.12 18.03
N LYS A 301 -0.47 21.90 18.54
CA LYS A 301 -1.65 21.73 17.68
C LYS A 301 -1.81 22.78 16.61
N GLN A 302 -1.74 24.05 17.02
CA GLN A 302 -1.90 25.16 16.04
C GLN A 302 -0.80 25.19 15.02
N GLN A 303 0.43 24.93 15.46
CA GLN A 303 1.61 24.88 14.55
C GLN A 303 1.46 23.80 13.48
N ILE A 304 0.95 22.63 13.83
CA ILE A 304 0.67 21.56 12.83
C ILE A 304 -0.47 22.01 11.87
N ILE A 305 -1.55 22.55 12.43
CA ILE A 305 -2.66 23.09 11.63
C ILE A 305 -2.18 24.17 10.60
N ASP A 306 -1.40 25.15 11.06
CA ASP A 306 -0.79 26.12 10.11
C ASP A 306 0.05 25.50 8.98
N LYS A 307 0.81 24.46 9.29
CA LYS A 307 1.57 23.82 8.24
C LYS A 307 0.63 23.04 7.31
N LEU A 308 -0.41 22.41 7.85
CA LEU A 308 -1.38 21.67 7.01
C LEU A 308 -2.12 22.61 6.04
N LEU A 309 -2.45 23.80 6.52
CA LEU A 309 -3.13 24.82 5.70
C LEU A 309 -2.33 25.32 4.51
N THR A 310 -1.01 25.17 4.51
CA THR A 310 -0.21 25.49 3.30
C THR A 310 -0.60 24.60 2.11
N GLN A 311 -1.28 23.50 2.41
CA GLN A 311 -1.55 22.47 1.42
C GLN A 311 -2.99 21.98 1.41
N PHE A 312 -3.69 22.16 2.52
CA PHE A 312 -5.02 21.61 2.63
C PHE A 312 -5.98 22.72 2.89
N ASP A 313 -7.21 22.54 2.43
CA ASP A 313 -8.31 23.51 2.66
C ASP A 313 -8.64 23.56 4.10
N ASN A 314 -8.98 24.75 4.55
CA ASN A 314 -9.51 24.92 5.87
C ASN A 314 -10.66 23.97 6.24
N ASN A 315 -11.51 23.62 5.26
CA ASN A 315 -12.64 22.76 5.59
C ASN A 315 -12.38 21.26 5.64
N GLN A 316 -11.18 20.84 5.21
CA GLN A 316 -10.64 19.48 5.41
C GLN A 316 -10.01 19.27 6.80
N ILE A 317 -9.84 20.33 7.59
CA ILE A 317 -9.12 20.24 8.87
C ILE A 317 -9.99 20.43 10.08
N ILE A 318 -10.05 19.38 10.90
CA ILE A 318 -10.93 19.25 12.10
C ILE A 318 -10.02 18.75 13.22
N ASP A 319 -10.12 19.32 14.41
CA ASP A 319 -9.41 18.77 15.57
C ASP A 319 -10.33 18.46 16.71
N SER A 320 -9.77 17.72 17.67
CA SER A 320 -10.44 17.38 18.89
C SER A 320 -9.42 17.10 19.99
N ASP A 321 -9.70 17.59 21.19
CA ASP A 321 -8.98 17.12 22.38
C ASP A 321 -9.37 15.67 22.73
N ILE A 322 -8.61 15.03 23.63
CA ILE A 322 -8.96 13.71 24.15
C ILE A 322 -9.72 13.94 25.45
N ILE A 323 -10.95 13.41 25.57
CA ILE A 323 -11.75 13.53 26.80
C ILE A 323 -11.37 12.48 27.83
N ALA A 324 -11.28 12.90 29.09
CA ALA A 324 -10.74 12.04 30.15
C ALA A 324 -11.79 11.22 30.86
N THR A 325 -13.05 11.62 30.70
CA THR A 325 -14.17 10.99 31.39
C THR A 325 -14.92 10.06 30.41
N GLY A 326 -15.73 9.15 30.96
CA GLY A 326 -16.39 8.19 30.13
C GLY A 326 -17.80 8.51 29.67
N ILE A 327 -18.54 7.44 29.45
CA ILE A 327 -19.89 7.45 28.93
C ILE A 327 -20.78 8.18 29.95
N GLU A 328 -21.65 9.07 29.44
CA GLU A 328 -22.51 9.93 30.26
C GLU A 328 -23.97 9.56 30.09
N ILE A 329 -24.67 9.35 31.19
CA ILE A 329 -26.12 9.24 31.10
C ILE A 329 -26.76 10.63 31.31
N ILE A 330 -27.78 10.92 30.49
CA ILE A 330 -28.45 12.21 30.46
C ILE A 330 -29.79 12.15 31.22
N GLU A 331 -29.88 12.99 32.27
CA GLU A 331 -31.01 13.11 33.24
C GLU A 331 -31.26 11.87 34.11
N HIS B 1 40.35 10.28 -44.19
CA HIS B 1 38.89 10.53 -44.41
C HIS B 1 38.09 10.04 -43.19
N MET B 2 36.97 10.71 -42.86
CA MET B 2 36.09 10.25 -41.76
C MET B 2 35.86 8.72 -41.77
N LEU B 3 35.54 8.18 -42.96
CA LEU B 3 35.18 6.76 -43.11
C LEU B 3 36.35 5.80 -42.81
N GLU B 4 37.57 6.36 -42.77
CA GLU B 4 38.76 5.57 -42.43
C GLU B 4 38.98 5.58 -40.92
N MET B 5 38.42 6.60 -40.29
CA MET B 5 38.71 6.92 -38.91
C MET B 5 37.63 6.47 -37.87
N ILE B 6 36.36 6.79 -38.12
CA ILE B 6 35.26 6.56 -37.17
C ILE B 6 35.05 5.13 -36.77
N LYS B 7 34.54 4.99 -35.56
CA LYS B 7 34.20 3.69 -35.02
C LYS B 7 32.72 3.75 -34.74
N SER B 8 31.97 2.88 -35.41
CA SER B 8 30.52 2.83 -35.20
C SER B 8 29.94 1.44 -35.07
N GLY B 9 28.74 1.35 -34.54
CA GLY B 9 28.09 0.06 -34.30
C GLY B 9 26.66 0.35 -33.99
N LYS B 10 25.82 -0.66 -34.12
CA LYS B 10 24.38 -0.47 -33.95
C LYS B 10 23.85 -1.73 -33.29
N ALA B 11 22.97 -1.58 -32.30
CA ALA B 11 22.44 -2.77 -31.67
C ALA B 11 20.96 -2.62 -31.35
N ARG B 12 20.32 -3.76 -31.16
CA ARG B 12 18.93 -3.86 -30.73
C ARG B 12 18.87 -4.65 -29.42
N ALA B 13 18.28 -4.04 -28.39
CA ALA B 13 18.07 -4.70 -27.08
C ALA B 13 16.63 -4.56 -26.73
N HIS B 14 16.05 -5.63 -26.20
CA HIS B 14 14.63 -5.65 -25.83
C HIS B 14 14.46 -5.31 -24.37
N THR B 15 13.33 -4.76 -24.01
CA THR B 15 13.02 -4.57 -22.60
C THR B 15 12.90 -5.93 -21.90
N ASN B 16 13.00 -5.92 -20.59
CA ASN B 16 12.81 -7.10 -19.82
C ASN B 16 11.89 -6.65 -18.69
N ILE B 17 11.08 -7.55 -18.12
CA ILE B 17 10.47 -7.15 -16.87
C ILE B 17 10.79 -8.11 -15.70
N ALA B 18 11.02 -7.52 -14.53
CA ALA B 18 11.44 -8.23 -13.32
C ALA B 18 10.26 -8.99 -12.69
N LEU B 19 10.38 -10.32 -12.64
CA LEU B 19 9.37 -11.18 -12.02
C LEU B 19 9.65 -11.32 -10.53
N ILE B 20 10.92 -11.52 -10.20
CA ILE B 20 11.43 -11.29 -8.85
C ILE B 20 12.18 -9.99 -8.94
N LYS B 21 11.77 -9.07 -8.09
CA LYS B 21 12.01 -7.64 -8.21
C LYS B 21 13.39 -7.21 -7.74
N TYR B 22 13.97 -6.28 -8.49
CA TYR B 22 15.11 -5.48 -8.05
C TYR B 22 14.50 -4.29 -7.32
N TRP B 23 14.83 -4.19 -6.04
CA TRP B 23 14.30 -3.11 -5.21
C TRP B 23 15.26 -2.75 -4.07
N GLY B 24 16.09 -1.73 -4.29
CA GLY B 24 17.09 -1.27 -3.28
C GLY B 24 18.52 -1.54 -3.69
N LYS B 25 19.37 -0.51 -3.63
CA LYS B 25 20.78 -0.68 -3.99
C LYS B 25 21.64 -0.82 -2.76
N LYS B 26 22.64 -1.71 -2.83
CA LYS B 26 23.70 -1.75 -1.86
C LYS B 26 24.75 -0.67 -2.15
N ASP B 27 25.01 -0.38 -3.42
CA ASP B 27 25.91 0.69 -3.82
C ASP B 27 25.27 1.54 -4.92
N GLU B 28 24.94 2.80 -4.60
CA GLU B 28 24.20 3.68 -5.52
C GLU B 28 24.99 4.02 -6.78
N ALA B 29 26.30 4.26 -6.61
CA ALA B 29 27.10 4.84 -7.67
C ALA B 29 27.44 3.74 -8.65
N LEU B 30 27.63 2.53 -8.15
CA LEU B 30 28.00 1.42 -9.01
C LEU B 30 26.76 0.59 -9.41
N ILE B 31 25.58 0.91 -8.87
CA ILE B 31 24.33 0.13 -9.13
C ILE B 31 24.62 -1.35 -8.87
N ILE B 32 24.91 -1.67 -7.61
CA ILE B 32 25.01 -3.03 -7.10
C ILE B 32 23.73 -3.22 -6.27
N PRO B 33 22.93 -4.28 -6.56
CA PRO B 33 21.65 -4.33 -5.87
C PRO B 33 21.76 -5.06 -4.52
N MET B 34 20.76 -4.84 -3.66
CA MET B 34 20.61 -5.55 -2.38
C MET B 34 20.33 -7.05 -2.56
N ASN B 35 19.80 -7.42 -3.72
CA ASN B 35 19.36 -8.80 -3.95
C ASN B 35 19.40 -9.11 -5.45
N ASN B 36 19.47 -10.38 -5.79
CA ASN B 36 19.21 -10.84 -7.14
C ASN B 36 17.77 -10.59 -7.64
N SER B 37 17.63 -10.50 -8.97
CA SER B 37 16.34 -10.31 -9.62
C SER B 37 16.25 -11.20 -10.85
N ILE B 38 15.01 -11.57 -11.18
CA ILE B 38 14.74 -12.49 -12.29
C ILE B 38 13.74 -11.84 -13.24
N SER B 39 14.14 -11.72 -14.51
CA SER B 39 13.31 -11.06 -15.48
C SER B 39 13.01 -11.93 -16.67
N VAL B 40 12.04 -11.48 -17.44
CA VAL B 40 11.67 -12.06 -18.71
C VAL B 40 11.85 -10.94 -19.78
N THR B 41 12.55 -11.26 -20.87
CA THR B 41 12.77 -10.36 -22.00
C THR B 41 11.62 -10.41 -23.02
N LEU B 42 11.06 -9.24 -23.35
CA LEU B 42 9.89 -9.09 -24.20
C LEU B 42 10.24 -8.74 -25.66
N GLU B 43 9.67 -9.54 -26.54
CA GLU B 43 9.73 -9.43 -28.00
C GLU B 43 9.24 -8.11 -28.61
N LYS B 44 8.07 -7.67 -28.22
CA LYS B 44 7.42 -6.52 -28.83
C LYS B 44 8.26 -5.27 -28.61
N PHE B 45 8.82 -5.09 -27.39
CA PHE B 45 9.46 -3.83 -27.00
C PHE B 45 11.00 -3.90 -26.99
N TYR B 46 11.61 -2.85 -27.53
CA TYR B 46 13.06 -2.77 -27.75
C TYR B 46 13.56 -1.34 -28.02
N THR B 47 14.90 -1.20 -27.99
CA THR B 47 15.59 0.01 -28.46
C THR B 47 16.67 -0.38 -29.48
N GLU B 48 16.79 0.40 -30.52
CA GLU B 48 17.90 0.21 -31.44
C GLU B 48 18.76 1.44 -31.31
N THR B 49 20.05 1.23 -31.08
CA THR B 49 20.92 2.37 -30.89
C THR B 49 22.14 2.28 -31.77
N LYS B 50 22.44 3.34 -32.51
CA LYS B 50 23.72 3.46 -33.20
C LYS B 50 24.61 4.43 -32.43
N VAL B 51 25.87 4.09 -32.31
CA VAL B 51 26.87 5.03 -31.78
C VAL B 51 28.02 5.21 -32.81
N THR B 52 28.45 6.44 -32.99
CA THR B 52 29.54 6.72 -33.91
C THR B 52 30.61 7.52 -33.18
N PHE B 53 31.75 6.88 -32.92
CA PHE B 53 32.88 7.61 -32.36
C PHE B 53 33.64 8.37 -33.44
N ASN B 54 33.76 9.68 -33.25
CA ASN B 54 34.45 10.57 -34.19
C ASN B 54 35.40 11.57 -33.48
N ASP B 55 36.66 11.72 -33.93
CA ASP B 55 37.66 12.53 -33.21
C ASP B 55 37.52 14.05 -33.25
N GLN B 56 36.80 14.57 -34.22
CA GLN B 56 36.62 16.01 -34.29
C GLN B 56 35.51 16.47 -33.38
N LEU B 57 34.64 15.53 -33.04
CA LEU B 57 33.47 15.77 -32.19
C LEU B 57 33.93 16.32 -30.85
N THR B 58 33.24 17.36 -30.40
CA THR B 58 33.59 18.18 -29.24
C THR B 58 32.83 17.82 -27.95
N GLN B 59 31.61 17.28 -28.09
CA GLN B 59 30.88 16.66 -27.00
C GLN B 59 30.17 15.47 -27.58
N ASP B 60 29.42 14.78 -26.72
CA ASP B 60 28.52 13.74 -27.14
C ASP B 60 27.25 14.39 -27.69
N GLN B 61 26.72 13.76 -28.73
CA GLN B 61 25.43 14.17 -29.26
C GLN B 61 24.47 13.01 -29.13
N PHE B 62 23.22 13.31 -28.79
CA PHE B 62 22.22 12.29 -28.55
C PHE B 62 20.92 12.66 -29.28
N TRP B 63 20.50 11.79 -30.21
CA TRP B 63 19.17 11.85 -30.84
C TRP B 63 18.33 10.66 -30.39
N LEU B 64 17.14 10.95 -29.90
CA LEU B 64 16.20 9.92 -29.49
C LEU B 64 14.93 10.09 -30.32
N ASN B 65 14.55 9.01 -31.01
CA ASN B 65 13.39 9.00 -31.90
C ASN B 65 13.43 10.22 -32.83
N GLY B 66 14.61 10.50 -33.40
CA GLY B 66 14.80 11.63 -34.32
C GLY B 66 14.78 13.06 -33.76
N GLU B 67 14.75 13.19 -32.44
CA GLU B 67 14.83 14.50 -31.75
C GLU B 67 16.18 14.62 -31.04
N LYS B 68 16.85 15.76 -31.25
CA LYS B 68 18.09 16.04 -30.54
C LYS B 68 17.80 16.14 -29.03
N VAL B 69 18.56 15.40 -28.24
CA VAL B 69 18.32 15.43 -26.80
C VAL B 69 19.23 16.49 -26.13
N SER B 70 18.65 17.19 -25.18
CA SER B 70 19.32 18.26 -24.47
C SER B 70 19.10 18.12 -22.95
N GLY B 71 19.84 18.89 -22.13
CA GLY B 71 19.52 18.98 -20.68
C GLY B 71 20.07 17.82 -19.86
N LYS B 72 19.32 17.38 -18.84
CA LYS B 72 19.78 16.32 -17.92
C LYS B 72 19.91 14.94 -18.57
N GLU B 73 19.06 14.67 -19.55
CA GLU B 73 19.12 13.42 -20.29
C GLU B 73 20.40 13.29 -21.13
N LEU B 74 20.81 14.37 -21.79
CA LEU B 74 22.16 14.45 -22.40
C LEU B 74 23.35 14.27 -21.38
N GLU B 75 23.27 14.98 -20.25
CA GLU B 75 24.31 14.91 -19.20
C GLU B 75 24.51 13.47 -18.74
N LYS B 76 23.36 12.81 -18.48
CA LYS B 76 23.28 11.43 -18.08
C LYS B 76 23.95 10.48 -19.02
N ILE B 77 23.66 10.63 -20.31
CA ILE B 77 24.32 9.77 -21.28
C ILE B 77 25.77 10.16 -21.49
N SER B 78 26.09 11.45 -21.37
CA SER B 78 27.52 11.81 -21.51
C SER B 78 28.34 11.30 -20.35
N LYS B 79 27.75 11.24 -19.15
CA LYS B 79 28.42 10.57 -17.99
C LYS B 79 28.65 9.09 -18.25
N TYR B 80 27.66 8.41 -18.79
CA TYR B 80 27.79 7.00 -19.07
C TYR B 80 28.84 6.74 -20.16
N MET B 81 28.82 7.60 -21.17
CA MET B 81 29.77 7.56 -22.26
C MET B 81 31.22 7.74 -21.79
N ASP B 82 31.42 8.59 -20.78
CA ASP B 82 32.73 8.69 -20.11
C ASP B 82 33.22 7.34 -19.57
N ILE B 83 32.31 6.58 -18.96
CA ILE B 83 32.60 5.25 -18.43
C ILE B 83 32.95 4.28 -19.55
N VAL B 84 32.22 4.33 -20.65
CA VAL B 84 32.51 3.54 -21.85
C VAL B 84 33.89 3.86 -22.44
N ARG B 85 34.14 5.15 -22.66
CA ARG B 85 35.49 5.66 -23.03
C ARG B 85 36.60 5.19 -22.09
N ASN B 86 36.39 5.37 -20.80
CA ASN B 86 37.37 4.83 -19.83
C ASN B 86 37.62 3.33 -19.96
N ARG B 87 36.53 2.57 -20.03
CA ARG B 87 36.66 1.12 -20.16
C ARG B 87 37.36 0.73 -21.47
N ALA B 88 36.98 1.36 -22.58
CA ALA B 88 37.54 1.06 -23.93
C ALA B 88 38.95 1.59 -24.07
N GLY B 89 39.23 2.74 -23.47
CA GLY B 89 40.55 3.36 -23.57
C GLY B 89 40.65 4.27 -24.79
N ILE B 90 39.55 4.96 -25.10
CA ILE B 90 39.49 5.89 -26.20
C ILE B 90 38.97 7.21 -25.67
N ASP B 91 39.35 8.32 -26.27
CA ASP B 91 38.84 9.60 -25.75
C ASP B 91 37.89 10.33 -26.66
N TRP B 92 37.52 9.70 -27.78
CA TRP B 92 36.63 10.37 -28.75
C TRP B 92 35.20 10.50 -28.23
N TYR B 93 34.62 11.66 -28.44
CA TYR B 93 33.20 11.80 -28.30
C TYR B 93 32.42 11.07 -29.44
N ALA B 94 31.12 10.92 -29.20
CA ALA B 94 30.26 10.05 -29.98
C ALA B 94 28.96 10.74 -30.34
N GLU B 95 28.40 10.33 -31.46
CA GLU B 95 27.05 10.69 -31.81
C GLU B 95 26.18 9.43 -31.58
N ILE B 96 25.16 9.56 -30.77
CA ILE B 96 24.31 8.42 -30.43
C ILE B 96 22.93 8.67 -31.04
N GLU B 97 22.50 7.70 -31.83
CA GLU B 97 21.20 7.73 -32.50
C GLU B 97 20.41 6.56 -32.07
N SER B 98 19.34 6.83 -31.36
CA SER B 98 18.58 5.78 -30.72
C SER B 98 17.12 5.92 -31.10
N ASP B 99 16.50 4.77 -31.42
CA ASP B 99 15.05 4.67 -31.58
C ASP B 99 14.40 3.70 -30.56
N ASN B 100 13.54 4.25 -29.72
CA ASN B 100 12.69 3.47 -28.82
C ASN B 100 11.46 2.88 -29.48
N PHE B 101 11.38 1.56 -29.51
CA PHE B 101 10.12 0.90 -29.82
C PHE B 101 9.51 0.38 -28.53
N VAL B 102 9.16 1.34 -27.67
CA VAL B 102 8.63 1.15 -26.31
C VAL B 102 7.71 2.33 -26.10
N PRO B 103 6.44 2.08 -25.67
CA PRO B 103 5.54 3.19 -25.41
C PRO B 103 5.86 3.87 -24.06
N THR B 104 6.83 4.79 -24.12
CA THR B 104 7.44 5.43 -22.96
C THR B 104 6.51 6.49 -22.33
N ALA B 105 5.67 7.10 -23.17
CA ALA B 105 4.59 8.00 -22.76
C ALA B 105 3.44 7.25 -22.07
N ALA B 106 3.38 5.93 -22.29
CA ALA B 106 2.53 5.00 -21.55
C ALA B 106 3.19 4.56 -20.23
N GLY B 107 4.36 5.12 -19.93
CA GLY B 107 5.02 4.86 -18.66
C GLY B 107 5.75 3.55 -18.65
N LEU B 108 5.98 2.99 -19.85
CA LEU B 108 6.84 1.81 -19.97
C LEU B 108 8.29 2.30 -19.99
N ALA B 109 9.13 1.63 -19.21
CA ALA B 109 10.52 2.02 -19.04
C ALA B 109 11.46 1.55 -20.20
N SER B 110 12.31 2.49 -20.62
CA SER B 110 13.27 2.24 -21.68
C SER B 110 14.70 2.08 -21.17
N SER B 111 14.95 2.33 -19.87
CA SER B 111 16.31 2.25 -19.34
C SER B 111 16.93 0.86 -19.53
N ALA B 112 16.13 -0.20 -19.36
CA ALA B 112 16.58 -1.59 -19.63
C ALA B 112 17.08 -1.78 -21.06
N SER B 113 16.24 -1.44 -22.03
CA SER B 113 16.68 -1.62 -23.40
C SER B 113 17.68 -0.55 -23.89
N ALA B 114 17.49 0.70 -23.46
CA ALA B 114 18.40 1.79 -23.83
C ALA B 114 19.88 1.54 -23.49
N TYR B 115 20.22 1.22 -22.23
CA TYR B 115 21.63 1.02 -21.90
C TYR B 115 22.24 -0.33 -22.40
N ALA B 116 21.40 -1.36 -22.53
CA ALA B 116 21.90 -2.59 -23.11
C ALA B 116 22.26 -2.36 -24.58
N ALA B 117 21.38 -1.67 -25.31
CA ALA B 117 21.57 -1.39 -26.71
C ALA B 117 22.77 -0.45 -26.90
N LEU B 118 22.90 0.60 -26.06
CA LEU B 118 24.11 1.46 -26.04
C LEU B 118 25.36 0.69 -25.69
N ALA B 119 25.29 -0.16 -24.70
CA ALA B 119 26.47 -0.95 -24.36
C ALA B 119 26.84 -1.93 -25.46
N ALA B 120 25.83 -2.54 -26.11
CA ALA B 120 26.19 -3.44 -27.20
C ALA B 120 26.72 -2.71 -28.44
N ALA B 121 26.16 -1.54 -28.74
CA ALA B 121 26.62 -0.70 -29.85
C ALA B 121 28.09 -0.26 -29.68
N CYS B 122 28.43 0.31 -28.51
CA CYS B 122 29.82 0.58 -28.13
C CYS B 122 30.75 -0.63 -28.23
N ASN B 123 30.29 -1.81 -27.81
CA ASN B 123 31.15 -3.00 -27.81
C ASN B 123 31.52 -3.34 -29.23
N GLN B 124 30.56 -3.17 -30.14
CA GLN B 124 30.79 -3.30 -31.56
C GLN B 124 31.68 -2.19 -32.14
N ALA B 125 31.28 -0.93 -31.92
CA ALA B 125 31.99 0.24 -32.43
C ALA B 125 33.50 0.27 -32.14
N LEU B 126 33.87 -0.19 -30.95
CA LEU B 126 35.22 -0.07 -30.41
C LEU B 126 35.97 -1.42 -30.31
N ASP B 127 35.34 -2.51 -30.76
CA ASP B 127 35.97 -3.84 -30.74
C ASP B 127 36.47 -4.24 -29.33
N MET B 128 35.61 -4.03 -28.34
CA MET B 128 35.92 -4.40 -26.96
C MET B 128 35.92 -5.91 -26.77
N GLN B 129 35.26 -6.63 -27.70
CA GLN B 129 35.13 -8.09 -27.65
C GLN B 129 34.66 -8.59 -26.28
N LEU B 130 33.67 -7.92 -25.70
CA LEU B 130 33.19 -8.25 -24.35
C LEU B 130 32.44 -9.61 -24.31
N SER B 131 32.74 -10.42 -23.32
CA SER B 131 31.86 -11.53 -23.00
C SER B 131 30.44 -11.01 -22.69
N ASP B 132 29.51 -11.95 -22.58
CA ASP B 132 28.17 -11.63 -22.21
C ASP B 132 28.15 -10.99 -20.77
N LYS B 133 28.90 -11.61 -19.87
CA LYS B 133 29.20 -11.06 -18.55
C LYS B 133 29.59 -9.58 -18.54
N ASP B 134 30.63 -9.24 -19.31
CA ASP B 134 31.24 -7.91 -19.25
C ASP B 134 30.36 -6.89 -19.92
N LEU B 135 29.56 -7.36 -20.90
CA LEU B 135 28.63 -6.50 -21.58
C LEU B 135 27.47 -6.15 -20.67
N SER B 136 27.01 -7.18 -19.95
CA SER B 136 26.01 -7.03 -18.87
C SER B 136 26.46 -6.07 -17.74
N ARG B 137 27.76 -6.14 -17.36
CA ARG B 137 28.40 -5.17 -16.44
C ARG B 137 28.34 -3.78 -17.00
N LEU B 138 28.81 -3.60 -18.24
CA LEU B 138 28.72 -2.28 -18.91
C LEU B 138 27.31 -1.76 -18.94
N ALA B 139 26.31 -2.62 -19.25
CA ALA B 139 24.92 -2.15 -19.23
C ALA B 139 24.48 -1.77 -17.82
N ARG B 140 24.81 -2.63 -16.82
CA ARG B 140 24.41 -2.45 -15.42
C ARG B 140 24.72 -1.06 -14.86
N ILE B 141 25.91 -0.52 -15.19
CA ILE B 141 26.39 0.72 -14.61
C ILE B 141 25.69 1.95 -15.19
N GLY B 142 24.90 1.78 -16.25
CA GLY B 142 23.96 2.82 -16.65
C GLY B 142 22.56 2.68 -16.07
N SER B 143 22.10 1.44 -15.94
CA SER B 143 20.76 1.13 -15.43
C SER B 143 20.83 -0.29 -14.94
N GLY B 144 20.37 -0.57 -13.73
CA GLY B 144 20.44 -1.97 -13.25
C GLY B 144 19.63 -2.95 -14.06
N SER B 145 18.41 -2.58 -14.41
CA SER B 145 17.56 -3.50 -15.18
C SER B 145 18.14 -3.89 -16.55
N ALA B 146 18.96 -3.03 -17.14
CA ALA B 146 19.55 -3.26 -18.47
C ALA B 146 20.55 -4.41 -18.48
N SER B 147 21.16 -4.72 -17.33
CA SER B 147 22.09 -5.84 -17.24
C SER B 147 21.42 -7.11 -17.76
N ARG B 148 20.11 -7.20 -17.52
CA ARG B 148 19.31 -8.40 -17.81
C ARG B 148 18.93 -8.51 -19.28
N SER B 149 18.91 -7.37 -19.99
CA SER B 149 18.51 -7.33 -21.39
C SER B 149 19.60 -7.79 -22.41
N ILE B 150 20.73 -8.31 -21.93
CA ILE B 150 21.75 -8.90 -22.78
C ILE B 150 21.25 -10.30 -23.19
N TYR B 151 20.26 -10.82 -22.44
CA TYR B 151 19.74 -12.16 -22.66
C TYR B 151 18.27 -12.19 -23.11
N GLY B 152 17.90 -13.24 -23.85
CA GLY B 152 16.49 -13.53 -24.05
C GLY B 152 15.94 -14.43 -22.95
N GLY B 153 14.65 -14.80 -23.09
CA GLY B 153 13.98 -15.66 -22.10
C GLY B 153 14.09 -15.14 -20.68
N PHE B 154 14.60 -16.00 -19.79
CA PHE B 154 14.70 -15.76 -18.34
C PHE B 154 16.17 -15.49 -18.00
N ALA B 155 16.37 -14.34 -17.33
CA ALA B 155 17.73 -13.94 -16.87
C ALA B 155 17.76 -13.67 -15.39
N GLU B 156 18.89 -13.94 -14.75
CA GLU B 156 19.11 -13.62 -13.36
C GLU B 156 20.21 -12.55 -13.25
N TRP B 157 19.91 -11.47 -12.59
CA TRP B 157 20.95 -10.51 -12.23
C TRP B 157 21.56 -10.94 -10.88
N GLU B 158 22.78 -11.43 -10.93
CA GLU B 158 23.55 -11.77 -9.73
C GLU B 158 24.12 -10.49 -9.07
N LYS B 159 23.71 -10.24 -7.82
CA LYS B 159 24.08 -9.00 -7.16
C LYS B 159 25.60 -8.76 -7.01
N GLY B 160 26.36 -9.82 -6.80
CA GLY B 160 27.78 -9.71 -6.53
C GLY B 160 28.06 -8.70 -5.44
N TYR B 161 29.16 -7.98 -5.58
CA TYR B 161 29.59 -7.16 -4.47
C TYR B 161 30.44 -5.98 -4.95
N SER B 162 30.69 -5.92 -6.26
CA SER B 162 31.57 -4.91 -6.88
C SER B 162 31.21 -4.79 -8.37
N ASP B 163 31.65 -3.69 -9.00
CA ASP B 163 31.48 -3.47 -10.44
C ASP B 163 31.85 -4.71 -11.28
N GLU B 164 32.83 -5.49 -10.80
CA GLU B 164 33.27 -6.70 -11.52
C GLU B 164 32.31 -7.88 -11.41
N THR B 165 31.64 -8.00 -10.28
CA THR B 165 30.92 -9.24 -9.91
C THR B 165 29.38 -9.10 -9.96
N SER B 166 28.93 -7.89 -10.29
CA SER B 166 27.54 -7.58 -10.45
C SER B 166 27.17 -7.53 -11.94
N TYR B 167 26.41 -8.53 -12.39
CA TYR B 167 25.98 -8.62 -13.80
C TYR B 167 24.95 -9.76 -13.88
N ALA B 168 24.24 -9.85 -15.01
CA ALA B 168 23.25 -10.85 -15.24
C ALA B 168 23.80 -12.05 -15.99
N VAL B 169 23.02 -13.11 -15.83
CA VAL B 169 23.31 -14.43 -16.30
C VAL B 169 22.00 -15.05 -16.85
N PRO B 170 22.10 -15.97 -17.83
CA PRO B 170 20.92 -16.62 -18.38
C PRO B 170 20.42 -17.68 -17.44
N LEU B 171 19.10 -17.86 -17.32
CA LEU B 171 18.51 -18.99 -16.60
C LEU B 171 18.06 -20.06 -17.58
N GLU B 172 18.44 -21.32 -17.29
CA GLU B 172 17.95 -22.44 -18.10
C GLU B 172 16.49 -22.66 -17.80
N SER B 173 15.65 -22.50 -18.82
CA SER B 173 14.20 -22.61 -18.67
C SER B 173 13.62 -23.63 -19.63
N ASN B 174 14.50 -24.40 -20.28
CA ASN B 174 14.13 -25.39 -21.29
C ASN B 174 12.93 -24.96 -22.16
N HIS B 175 13.07 -23.82 -22.83
CA HIS B 175 11.97 -23.25 -23.65
C HIS B 175 10.61 -22.98 -22.99
N PHE B 176 10.52 -23.00 -21.65
CA PHE B 176 9.32 -22.51 -20.88
C PHE B 176 8.80 -21.18 -21.43
N GLU B 177 9.69 -20.25 -21.70
CA GLU B 177 9.41 -18.96 -22.40
C GLU B 177 8.43 -19.06 -23.54
N ASP B 178 8.60 -20.08 -24.40
CA ASP B 178 7.81 -20.13 -25.64
C ASP B 178 6.31 -20.26 -25.41
N ASP B 179 5.91 -20.67 -24.21
CA ASP B 179 4.48 -20.83 -23.84
C ASP B 179 3.84 -19.65 -23.15
N LEU B 180 4.64 -18.61 -22.88
CA LEU B 180 4.17 -17.53 -22.05
C LEU B 180 4.11 -16.20 -22.76
N ALA B 181 3.21 -15.34 -22.30
CA ALA B 181 3.12 -13.95 -22.74
C ALA B 181 2.92 -13.03 -21.54
N MET B 182 2.94 -11.74 -21.80
CA MET B 182 2.69 -10.70 -20.79
C MET B 182 1.70 -9.70 -21.40
N ILE B 183 0.72 -9.30 -20.62
CA ILE B 183 -0.25 -8.27 -20.99
C ILE B 183 0.03 -7.06 -20.10
N PHE B 184 0.16 -5.89 -20.71
CA PHE B 184 0.25 -4.66 -19.96
C PHE B 184 -1.09 -3.95 -19.99
N VAL B 185 -1.52 -3.44 -18.84
CA VAL B 185 -2.63 -2.53 -18.76
C VAL B 185 -2.07 -1.19 -18.37
N VAL B 186 -2.07 -0.31 -19.34
CA VAL B 186 -1.61 1.06 -19.20
C VAL B 186 -2.61 1.89 -18.42
N ILE B 187 -2.08 2.65 -17.46
CA ILE B 187 -2.88 3.43 -16.54
C ILE B 187 -2.31 4.87 -16.41
N ASN B 188 -3.19 5.83 -16.69
CA ASN B 188 -2.90 7.25 -16.59
C ASN B 188 -3.23 7.75 -15.20
N GLN B 189 -2.20 7.95 -14.42
CA GLN B 189 -2.30 8.50 -13.08
C GLN B 189 -2.28 10.04 -13.10
N HIS B 190 -3.06 10.66 -12.21
CA HIS B 190 -3.18 12.14 -12.14
C HIS B 190 -1.88 12.77 -11.64
N SER B 191 -1.39 12.26 -10.50
CA SER B 191 -0.20 12.75 -9.84
C SER B 191 1.08 12.33 -10.57
N LYS B 192 2.15 13.09 -10.35
CA LYS B 192 3.43 12.74 -10.94
C LYS B 192 4.03 11.59 -10.11
N LYS B 193 4.67 10.66 -10.82
CA LYS B 193 5.28 9.46 -10.26
C LYS B 193 6.48 9.77 -9.33
N VAL B 194 6.66 8.99 -8.27
CA VAL B 194 7.91 9.02 -7.52
C VAL B 194 8.98 8.34 -8.42
N PRO B 195 10.06 9.08 -8.79
CA PRO B 195 11.10 8.49 -9.68
C PRO B 195 11.79 7.27 -9.05
N SER B 196 12.02 6.22 -9.85
CA SER B 196 12.39 4.90 -9.34
C SER B 196 13.68 4.89 -8.53
N ARG B 197 14.68 5.63 -9.02
CA ARG B 197 16.01 5.67 -8.45
C ARG B 197 15.95 6.17 -7.03
N TYR B 198 15.25 7.29 -6.87
CA TYR B 198 15.01 7.96 -5.59
C TYR B 198 14.08 7.13 -4.71
N GLY B 199 12.99 6.69 -5.34
CA GLY B 199 12.07 5.73 -4.77
C GLY B 199 12.70 4.56 -4.07
N MET B 200 13.52 3.77 -4.74
CA MET B 200 14.06 2.56 -4.12
C MET B 200 15.11 2.87 -3.06
N SER B 201 15.76 4.02 -3.23
CA SER B 201 16.72 4.54 -2.24
C SER B 201 16.04 4.97 -0.95
N LEU B 202 14.99 5.77 -1.05
CA LEU B 202 14.21 6.18 0.11
C LEU B 202 13.71 4.93 0.85
N THR B 203 13.13 4.00 0.10
CA THR B 203 12.68 2.75 0.69
C THR B 203 13.83 1.89 1.29
N ARG B 204 14.87 1.64 0.51
CA ARG B 204 15.99 0.85 1.04
C ARG B 204 16.57 1.43 2.33
N ASN B 205 16.62 2.75 2.43
CA ASN B 205 17.44 3.35 3.47
C ASN B 205 16.66 3.75 4.69
N THR B 206 15.34 3.58 4.63
CA THR B 206 14.43 4.33 5.46
C THR B 206 13.16 3.50 5.83
N SER B 207 12.82 2.53 4.99
CA SER B 207 11.54 1.86 5.22
C SER B 207 11.51 1.01 6.51
N ARG B 208 10.50 1.24 7.37
CA ARG B 208 10.24 0.33 8.50
C ARG B 208 9.91 -1.11 8.07
N PHE B 209 9.60 -1.33 6.80
CA PHE B 209 9.21 -2.68 6.35
C PHE B 209 10.22 -3.31 5.37
N TYR B 210 11.33 -2.63 5.11
CA TYR B 210 12.36 -3.13 4.20
C TYR B 210 12.96 -4.50 4.67
N GLN B 211 13.14 -4.69 5.98
CA GLN B 211 13.59 -5.97 6.50
C GLN B 211 12.66 -7.11 6.04
N TYR B 212 11.36 -6.87 6.00
CA TYR B 212 10.41 -7.85 5.57
C TYR B 212 10.74 -8.38 4.16
N TRP B 213 11.06 -7.43 3.26
CA TRP B 213 11.53 -7.73 1.92
C TRP B 213 12.72 -8.71 1.95
N LEU B 214 13.80 -8.28 2.62
CA LEU B 214 15.03 -9.06 2.80
C LEU B 214 14.81 -10.41 3.48
N ASP B 215 13.91 -10.46 4.47
CA ASP B 215 13.57 -11.75 5.11
C ASP B 215 13.01 -12.82 4.17
N HIS B 216 12.43 -12.42 3.04
CA HIS B 216 11.75 -13.39 2.17
C HIS B 216 12.33 -13.54 0.79
N ILE B 217 13.34 -12.72 0.49
CA ILE B 217 13.78 -12.57 -0.89
C ILE B 217 14.52 -13.83 -1.38
N ASP B 218 15.34 -14.45 -0.52
CA ASP B 218 16.11 -15.64 -0.95
C ASP B 218 15.18 -16.83 -1.29
N GLU B 219 14.23 -17.13 -0.42
CA GLU B 219 13.13 -18.06 -0.71
C GLU B 219 12.40 -17.83 -2.05
N ASP B 220 12.04 -16.58 -2.28
CA ASP B 220 11.32 -16.15 -3.47
C ASP B 220 12.18 -16.44 -4.68
N LEU B 221 13.48 -16.18 -4.55
CA LEU B 221 14.40 -16.46 -5.66
C LEU B 221 14.47 -17.94 -5.97
N ALA B 222 14.65 -18.74 -4.93
CA ALA B 222 14.86 -20.14 -5.10
C ALA B 222 13.55 -20.76 -5.60
N GLU B 223 12.43 -20.25 -5.10
CA GLU B 223 11.12 -20.81 -5.51
C GLU B 223 10.81 -20.55 -6.97
N ALA B 224 11.12 -19.35 -7.40
CA ALA B 224 10.89 -18.90 -8.76
C ALA B 224 11.74 -19.73 -9.69
N LYS B 225 13.04 -19.80 -9.42
CA LYS B 225 13.96 -20.69 -10.16
C LYS B 225 13.46 -22.13 -10.30
N ALA B 226 13.03 -22.71 -9.17
CA ALA B 226 12.59 -24.09 -9.16
C ALA B 226 11.35 -24.27 -10.04
N ALA B 227 10.47 -23.27 -10.07
CA ALA B 227 9.23 -23.35 -10.85
C ALA B 227 9.51 -23.20 -12.36
N ILE B 228 10.46 -22.35 -12.72
CA ILE B 228 10.96 -22.21 -14.10
C ILE B 228 11.54 -23.52 -14.69
N GLN B 229 12.42 -24.19 -13.94
CA GLN B 229 13.06 -25.45 -14.35
C GLN B 229 12.04 -26.59 -14.49
N ASP B 230 11.01 -26.55 -13.64
CA ASP B 230 9.95 -27.51 -13.70
C ASP B 230 8.81 -27.12 -14.65
N LYS B 231 8.96 -26.02 -15.41
CA LYS B 231 7.88 -25.43 -16.23
C LYS B 231 6.53 -25.42 -15.49
N ASP B 232 6.55 -24.94 -14.23
CA ASP B 232 5.37 -24.98 -13.38
C ASP B 232 4.72 -23.60 -13.33
N PHE B 233 3.69 -23.37 -14.14
CA PHE B 233 3.17 -21.98 -14.27
C PHE B 233 2.54 -21.32 -13.04
N LYS B 234 1.68 -22.08 -12.33
CA LYS B 234 0.96 -21.59 -11.17
C LYS B 234 1.94 -21.35 -10.06
N ARG B 235 2.92 -22.26 -9.90
CA ARG B 235 3.93 -22.09 -8.87
C ARG B 235 4.78 -20.81 -9.08
N LEU B 236 5.24 -20.58 -10.31
CA LEU B 236 5.96 -19.38 -10.67
C LEU B 236 5.09 -18.19 -10.44
N GLY B 237 3.83 -18.22 -10.88
CA GLY B 237 3.00 -17.04 -10.88
C GLY B 237 2.64 -16.62 -9.47
N GLU B 238 2.44 -17.60 -8.60
CA GLU B 238 2.13 -17.33 -7.24
C GLU B 238 3.25 -16.65 -6.53
N VAL B 239 4.51 -17.11 -6.70
CA VAL B 239 5.68 -16.34 -6.10
C VAL B 239 5.87 -14.94 -6.63
N ILE B 240 5.87 -14.79 -7.94
CA ILE B 240 6.10 -13.52 -8.61
C ILE B 240 5.04 -12.49 -8.22
N GLU B 241 3.79 -12.95 -8.04
CA GLU B 241 2.73 -12.06 -7.66
C GLU B 241 2.89 -11.58 -6.22
N GLU B 242 3.19 -12.53 -5.33
CA GLU B 242 3.39 -12.18 -3.93
C GLU B 242 4.64 -11.33 -3.74
N ASN B 243 5.73 -11.67 -4.47
CA ASN B 243 7.01 -10.93 -4.49
C ASN B 243 6.84 -9.44 -4.80
N GLY B 244 6.11 -9.18 -5.88
CA GLY B 244 5.78 -7.84 -6.38
C GLY B 244 4.90 -7.03 -5.46
N LEU B 245 3.93 -7.71 -4.83
CA LEU B 245 3.14 -7.09 -3.76
C LEU B 245 3.96 -6.65 -2.53
N ARG B 246 4.86 -7.54 -2.08
CA ARG B 246 5.80 -7.21 -0.98
C ARG B 246 6.71 -6.03 -1.27
N MET B 247 7.20 -5.93 -2.51
CA MET B 247 7.98 -4.79 -2.97
C MET B 247 7.24 -3.52 -2.73
N HIS B 248 5.99 -3.50 -3.16
CA HIS B 248 5.14 -2.35 -2.95
C HIS B 248 4.76 -2.17 -1.52
N ALA B 249 4.69 -3.26 -0.75
CA ALA B 249 4.39 -3.11 0.65
C ALA B 249 5.50 -2.31 1.31
N THR B 250 6.75 -2.51 0.87
CA THR B 250 7.90 -1.80 1.46
C THR B 250 7.78 -0.29 1.38
N ASN B 251 7.26 0.23 0.27
CA ASN B 251 7.18 1.71 0.14
C ASN B 251 6.27 2.39 1.16
N LEU B 252 5.33 1.60 1.72
CA LEU B 252 4.37 2.05 2.71
C LEU B 252 5.07 2.35 4.04
N GLY B 253 6.28 1.81 4.25
CA GLY B 253 6.97 1.98 5.54
C GLY B 253 8.00 3.11 5.46
N SER B 254 8.18 3.70 4.29
CA SER B 254 9.23 4.67 4.10
C SER B 254 8.97 5.97 4.86
N THR B 255 9.98 6.83 4.96
CA THR B 255 9.88 8.11 5.70
C THR B 255 10.13 9.26 4.73
N PRO B 256 9.06 9.87 4.17
CA PRO B 256 7.66 9.52 4.34
C PRO B 256 7.14 8.41 3.36
N PRO B 257 5.99 7.81 3.70
CA PRO B 257 5.47 6.74 2.80
C PRO B 257 5.03 7.23 1.41
N PHE B 258 5.04 6.32 0.46
CA PHE B 258 4.55 6.63 -0.87
C PHE B 258 4.03 5.33 -1.53
N THR B 259 3.28 5.48 -2.62
CA THR B 259 2.85 4.30 -3.37
C THR B 259 2.97 4.57 -4.85
N TYR B 260 3.19 3.51 -5.63
CA TYR B 260 3.17 3.58 -7.09
C TYR B 260 1.79 3.24 -7.64
N LEU B 261 0.99 2.61 -6.80
CA LEU B 261 -0.31 2.07 -7.18
C LEU B 261 -1.44 3.08 -7.03
N VAL B 262 -2.40 3.04 -7.95
CA VAL B 262 -3.65 3.80 -7.89
C VAL B 262 -4.83 2.84 -7.94
N GLN B 263 -6.01 3.34 -7.61
CA GLN B 263 -7.26 2.55 -7.60
C GLN B 263 -7.41 1.69 -8.89
N GLU B 264 -6.98 2.25 -10.02
CA GLU B 264 -7.13 1.55 -11.28
C GLU B 264 -6.17 0.35 -11.43
N SER B 265 -5.01 0.43 -10.81
CA SER B 265 -4.11 -0.70 -10.61
C SER B 265 -4.79 -1.86 -9.85
N TYR B 266 -5.44 -1.54 -8.71
CA TYR B 266 -6.24 -2.53 -7.96
C TYR B 266 -7.41 -3.15 -8.70
N ASP B 267 -8.02 -2.39 -9.61
CA ASP B 267 -9.06 -2.89 -10.51
C ASP B 267 -8.56 -3.97 -11.46
N VAL B 268 -7.33 -3.82 -11.98
CA VAL B 268 -6.76 -4.82 -12.87
C VAL B 268 -6.42 -6.06 -12.04
N MET B 269 -5.98 -5.86 -10.78
CA MET B 269 -5.71 -6.99 -9.85
C MET B 269 -6.98 -7.83 -9.55
N ALA B 270 -8.11 -7.17 -9.28
CA ALA B 270 -9.42 -7.82 -9.14
C ALA B 270 -9.82 -8.62 -10.39
N LEU B 271 -9.58 -8.06 -11.57
CA LEU B 271 -9.89 -8.79 -12.79
C LEU B 271 -8.99 -10.01 -13.01
N VAL B 272 -7.69 -9.91 -12.72
CA VAL B 272 -6.86 -11.13 -12.81
C VAL B 272 -7.27 -12.25 -11.84
N HIS B 273 -7.66 -11.86 -10.63
CA HIS B 273 -8.26 -12.75 -9.65
C HIS B 273 -9.52 -13.50 -10.17
N GLU B 274 -10.45 -12.75 -10.76
CA GLU B 274 -11.65 -13.31 -11.41
C GLU B 274 -11.31 -14.20 -12.60
N CYS B 275 -10.30 -13.83 -13.39
CA CYS B 275 -9.79 -14.72 -14.43
C CYS B 275 -9.33 -16.07 -13.88
N ARG B 276 -8.56 -16.05 -12.79
CA ARG B 276 -8.11 -17.31 -12.15
C ARG B 276 -9.34 -18.13 -11.76
N GLU B 277 -10.26 -17.46 -11.10
CA GLU B 277 -11.46 -18.10 -10.60
C GLU B 277 -12.24 -18.79 -11.73
N ALA B 278 -12.26 -18.12 -12.89
CA ALA B 278 -12.93 -18.57 -14.09
C ALA B 278 -12.16 -19.65 -14.83
N GLY B 279 -11.00 -20.05 -14.30
CA GLY B 279 -10.19 -21.11 -14.94
C GLY B 279 -9.06 -20.66 -15.87
N TYR B 280 -8.74 -19.37 -15.87
CA TYR B 280 -7.60 -18.83 -16.66
C TYR B 280 -6.40 -18.38 -15.78
N PRO B 281 -5.40 -19.25 -15.59
CA PRO B 281 -4.24 -18.89 -14.77
C PRO B 281 -3.40 -17.69 -15.30
N CYS B 282 -3.38 -16.62 -14.52
CA CYS B 282 -2.58 -15.47 -14.87
C CYS B 282 -2.23 -14.73 -13.58
N TYR B 283 -1.10 -14.04 -13.60
CA TYR B 283 -0.50 -13.46 -12.39
C TYR B 283 0.06 -12.06 -12.65
N PHE B 284 -0.19 -11.14 -11.73
CA PHE B 284 0.09 -9.73 -11.96
C PHE B 284 1.39 -9.25 -11.25
N THR B 285 1.99 -8.18 -11.77
CA THR B 285 3.17 -7.58 -11.17
C THR B 285 3.22 -6.10 -11.56
N MET B 286 3.87 -5.32 -10.72
CA MET B 286 3.87 -3.85 -10.85
C MET B 286 5.28 -3.35 -10.60
N ASP B 287 5.64 -2.32 -11.31
CA ASP B 287 7.00 -1.81 -11.18
C ASP B 287 6.88 -0.47 -10.54
N ALA B 288 7.79 0.42 -10.86
CA ALA B 288 7.85 1.75 -10.24
C ALA B 288 6.89 2.67 -10.95
N GLY B 289 5.61 2.32 -10.92
CA GLY B 289 4.52 3.12 -11.49
C GLY B 289 3.21 2.28 -11.49
N PRO B 290 2.11 2.88 -11.99
CA PRO B 290 0.76 2.29 -11.85
C PRO B 290 0.34 1.20 -12.84
N ASN B 291 1.07 1.01 -13.96
CA ASN B 291 0.70 -0.02 -14.91
C ASN B 291 0.67 -1.43 -14.29
N VAL B 292 -0.28 -2.25 -14.71
CA VAL B 292 -0.30 -3.66 -14.27
C VAL B 292 0.13 -4.58 -15.41
N LYS B 293 1.16 -5.40 -15.12
CA LYS B 293 1.59 -6.45 -16.03
C LYS B 293 1.14 -7.84 -15.60
N ILE B 294 0.68 -8.61 -16.59
CA ILE B 294 0.05 -9.87 -16.36
C ILE B 294 0.80 -10.93 -17.09
N LEU B 295 1.41 -11.86 -16.36
CA LEU B 295 2.04 -13.01 -16.96
C LEU B 295 0.95 -14.03 -17.20
N VAL B 296 0.91 -14.59 -18.40
CA VAL B 296 -0.14 -15.52 -18.81
C VAL B 296 0.50 -16.62 -19.71
N GLU B 297 -0.12 -17.80 -19.75
CA GLU B 297 0.20 -18.77 -20.84
C GLU B 297 -0.38 -18.24 -22.13
N LYS B 298 0.34 -18.35 -23.23
CA LYS B 298 -0.17 -17.88 -24.53
C LYS B 298 -1.57 -18.46 -24.89
N LYS B 299 -1.82 -19.71 -24.50
CA LYS B 299 -3.14 -20.37 -24.75
C LYS B 299 -4.29 -19.61 -24.16
N ASN B 300 -4.01 -18.76 -23.15
CA ASN B 300 -5.08 -18.03 -22.45
C ASN B 300 -4.99 -16.53 -22.67
N LYS B 301 -3.96 -16.09 -23.37
CA LYS B 301 -3.76 -14.65 -23.65
C LYS B 301 -5.04 -13.88 -24.14
N GLN B 302 -5.71 -14.40 -25.18
CA GLN B 302 -6.94 -13.76 -25.74
C GLN B 302 -8.09 -13.71 -24.73
N GLN B 303 -8.18 -14.78 -23.94
CA GLN B 303 -9.17 -14.97 -22.87
C GLN B 303 -9.00 -13.97 -21.75
N ILE B 304 -7.76 -13.74 -21.31
CA ILE B 304 -7.47 -12.65 -20.34
C ILE B 304 -7.80 -11.25 -20.91
N ILE B 305 -7.31 -11.00 -22.12
CA ILE B 305 -7.64 -9.76 -22.86
C ILE B 305 -9.17 -9.50 -22.99
N ASP B 306 -9.94 -10.51 -23.41
CA ASP B 306 -11.42 -10.33 -23.47
C ASP B 306 -12.02 -9.94 -22.10
N LYS B 307 -11.53 -10.54 -21.02
CA LYS B 307 -12.03 -10.17 -19.71
C LYS B 307 -11.62 -8.77 -19.33
N LEU B 308 -10.43 -8.35 -19.75
CA LEU B 308 -9.93 -7.02 -19.38
C LEU B 308 -10.74 -5.94 -20.09
N LEU B 309 -11.15 -6.24 -21.30
CA LEU B 309 -11.93 -5.34 -22.14
C LEU B 309 -13.34 -5.07 -21.62
N THR B 310 -13.83 -5.88 -20.66
CA THR B 310 -15.13 -5.59 -20.01
C THR B 310 -15.03 -4.42 -19.03
N GLN B 311 -13.82 -3.96 -18.75
CA GLN B 311 -13.59 -2.97 -17.71
C GLN B 311 -12.62 -1.85 -18.18
N PHE B 312 -11.76 -2.17 -19.14
CA PHE B 312 -10.70 -1.28 -19.59
C PHE B 312 -10.86 -1.04 -21.08
N ASP B 313 -10.50 0.16 -21.52
CA ASP B 313 -10.44 0.53 -22.95
C ASP B 313 -9.40 -0.30 -23.66
N ASN B 314 -9.69 -0.66 -24.91
CA ASN B 314 -8.79 -1.38 -25.78
C ASN B 314 -7.42 -0.71 -25.85
N ASN B 315 -7.40 0.62 -25.81
CA ASN B 315 -6.12 1.28 -26.03
C ASN B 315 -5.16 1.23 -24.81
N GLN B 316 -5.71 0.75 -23.69
CA GLN B 316 -4.97 0.45 -22.46
C GLN B 316 -4.24 -0.92 -22.50
N ILE B 317 -4.58 -1.76 -23.48
CA ILE B 317 -4.18 -3.14 -23.49
C ILE B 317 -3.12 -3.47 -24.54
N ILE B 318 -1.94 -3.82 -24.05
CA ILE B 318 -0.78 -4.11 -24.90
C ILE B 318 -0.23 -5.48 -24.50
N ASP B 319 0.25 -6.27 -25.44
CA ASP B 319 0.76 -7.55 -25.08
C ASP B 319 2.06 -7.84 -25.79
N SER B 320 2.84 -8.75 -25.24
CA SER B 320 4.05 -9.15 -25.87
C SER B 320 4.33 -10.56 -25.51
N ASP B 321 4.87 -11.30 -26.47
CA ASP B 321 5.49 -12.58 -26.21
C ASP B 321 6.86 -12.42 -25.55
N ILE B 322 7.45 -13.52 -25.11
CA ILE B 322 8.77 -13.49 -24.53
C ILE B 322 9.77 -13.94 -25.61
N ILE B 323 10.75 -13.09 -25.94
CA ILE B 323 11.74 -13.40 -27.00
C ILE B 323 12.85 -14.30 -26.44
N ALA B 324 13.12 -15.42 -27.10
CA ALA B 324 14.00 -16.41 -26.52
C ALA B 324 15.50 -16.09 -26.73
N THR B 325 15.78 -15.20 -27.68
CA THR B 325 17.12 -14.86 -28.09
C THR B 325 17.49 -13.50 -27.48
N GLY B 326 18.81 -13.28 -27.34
CA GLY B 326 19.33 -12.07 -26.71
C GLY B 326 19.64 -10.94 -27.66
N ILE B 327 20.53 -10.07 -27.20
CA ILE B 327 20.84 -8.78 -27.78
C ILE B 327 21.40 -8.98 -29.20
N GLU B 328 20.97 -8.13 -30.14
CA GLU B 328 21.30 -8.26 -31.57
C GLU B 328 22.22 -7.16 -32.06
N ILE B 329 23.33 -7.55 -32.66
CA ILE B 329 24.13 -6.59 -33.42
C ILE B 329 23.53 -6.40 -34.83
N ILE B 330 23.26 -5.15 -35.21
CA ILE B 330 22.73 -4.81 -36.53
C ILE B 330 23.90 -4.65 -37.56
N GLU B 331 23.99 -5.69 -38.43
CA GLU B 331 24.99 -5.95 -39.51
C GLU B 331 26.35 -6.45 -39.03
#